data_6KG2
#
_entry.id   6KG2
#
_cell.length_a   116.992
_cell.length_b   116.992
_cell.length_c   112.869
_cell.angle_alpha   90.000
_cell.angle_beta   90.000
_cell.angle_gamma   120.000
#
_symmetry.space_group_name_H-M   'P 65'
#
loop_
_entity.id
_entity.type
_entity.pdbx_description
1 polymer 'Bifunctional methylenetetrahydrofolate dehydrogenase/cyclohydrolase, mitochondrial'
2 non-polymer N-[2-chloranyl-4-[[7-methyl-8-(4-methylpiperazin-1-yl)-5-oxidanylidene-2,4-dihydro-1H-chromeno[3,4-c]pyridin-3-yl]carbonyl]phenyl]methanesulfonamide
3 non-polymer NICOTINAMIDE-ADENINE-DINUCLEOTIDE
4 non-polymer 'PHOSPHATE ION'
5 water water
#
_entity_poly.entity_id   1
_entity_poly.type   'polypeptide(L)'
_entity_poly.pdbx_seq_one_letter_code
;MGSSHHHHHHSSGENLYFQGEAVVISGRKLAQQIKQEVRQEVEEWVASGNKRPHLSVILVGENPASHSYVLNKTRAAAVV
GINSETIMKPASISEEELLNLINKLNNDDNVDGLLVQLPLPEHIDERRICNAVSPDKDVDGFHVINVGRMCLDQYSMLPA
TPWGVWEIIKRTGIPTLGKNVVVAGRSKNVGMPIAMLLHTDGAHERPGGDATVTISHRYTPKEQLKKHTILADIVISAAG
IPNLITADMIKEGAAVIDVGINRVHDPVTAKPKLVGDVDFEGVRQKAGYITPVPGGVGPMTVAMLMKNTIIAAKKVLRLE
ERE
;
_entity_poly.pdbx_strand_id   A,B
#
loop_
_chem_comp.id
_chem_comp.type
_chem_comp.name
_chem_comp.formula
D8C non-polymer N-[2-chloranyl-4-[[7-methyl-8-(4-methylpiperazin-1-yl)-5-oxidanylidene-2,4-dihydro-1H-chromeno[3,4-c]pyridin-3-yl]carbonyl]phenyl]methanesulfonamide 'C26 H29 Cl N4 O5 S'
NAD non-polymer NICOTINAMIDE-ADENINE-DINUCLEOTIDE 'C21 H27 N7 O14 P2'
PO4 non-polymer 'PHOSPHATE ION' 'O4 P -3'
#
# COMPACT_ATOMS: atom_id res chain seq x y z
N GLU A 21 -25.34 17.81 -18.45
CA GLU A 21 -24.13 17.16 -19.07
C GLU A 21 -22.85 17.65 -18.39
N ALA A 22 -21.74 16.94 -18.65
CA ALA A 22 -20.58 16.95 -17.76
C ALA A 22 -19.50 17.94 -18.15
N VAL A 23 -18.98 18.68 -17.15
CA VAL A 23 -17.77 19.47 -17.28
C VAL A 23 -16.60 18.56 -17.69
N VAL A 24 -16.06 18.79 -18.89
CA VAL A 24 -14.83 18.17 -19.30
C VAL A 24 -13.66 18.90 -18.65
N ILE A 25 -12.59 18.17 -18.33
CA ILE A 25 -11.50 18.77 -17.61
C ILE A 25 -10.25 18.75 -18.48
N SER A 26 -9.62 19.90 -18.64
CA SER A 26 -8.45 19.85 -19.49
C SER A 26 -7.25 19.49 -18.63
N GLY A 27 -6.70 18.31 -18.88
CA GLY A 27 -5.43 17.98 -18.26
C GLY A 27 -4.32 18.70 -19.00
N ARG A 28 -4.63 19.11 -20.23
CA ARG A 28 -3.62 19.86 -20.97
C ARG A 28 -3.44 21.21 -20.27
N LYS A 29 -4.56 21.88 -19.96
CA LYS A 29 -4.56 23.20 -19.37
C LYS A 29 -3.99 23.14 -17.95
N LEU A 30 -4.58 22.27 -17.12
CA LEU A 30 -4.12 22.02 -15.77
C LEU A 30 -2.61 21.78 -15.76
N ALA A 31 -2.14 20.94 -16.70
CA ALA A 31 -0.73 20.59 -16.67
C ALA A 31 0.13 21.82 -16.99
N GLN A 32 -0.39 22.71 -17.83
CA GLN A 32 0.39 23.89 -18.16
C GLN A 32 0.44 24.85 -16.97
N GLN A 33 -0.66 24.92 -16.23
CA GLN A 33 -0.61 25.73 -15.02
C GLN A 33 0.51 25.24 -14.10
N ILE A 34 0.47 23.94 -13.79
CA ILE A 34 1.43 23.33 -12.90
C ILE A 34 2.84 23.61 -13.41
N LYS A 35 3.01 23.63 -14.74
CA LYS A 35 4.36 23.81 -15.28
C LYS A 35 4.80 25.26 -15.08
N GLN A 36 3.80 26.16 -15.00
CA GLN A 36 4.03 27.56 -14.71
C GLN A 36 4.52 27.69 -13.27
N GLU A 37 3.82 27.05 -12.35
CA GLU A 37 4.31 27.03 -10.99
C GLU A 37 5.75 26.55 -10.97
N VAL A 38 6.04 25.47 -11.70
CA VAL A 38 7.37 24.92 -11.55
C VAL A 38 8.38 25.88 -12.13
N ARG A 39 8.02 26.45 -13.29
CA ARG A 39 8.93 27.36 -13.96
C ARG A 39 9.35 28.46 -12.98
N GLN A 40 8.37 29.00 -12.24
CA GLN A 40 8.61 30.13 -11.34
C GLN A 40 9.48 29.66 -10.19
N GLU A 41 9.14 28.49 -9.67
CA GLU A 41 9.87 28.01 -8.53
C GLU A 41 11.33 27.77 -8.92
N VAL A 42 11.56 27.34 -10.17
CA VAL A 42 12.92 27.11 -10.65
C VAL A 42 13.64 28.44 -10.90
N GLU A 43 12.98 29.42 -11.53
CA GLU A 43 13.61 30.75 -11.67
C GLU A 43 14.01 31.29 -10.29
N GLU A 44 13.13 31.10 -9.29
CA GLU A 44 13.39 31.54 -7.93
C GLU A 44 14.65 30.85 -7.41
N TRP A 45 14.65 29.51 -7.47
CA TRP A 45 15.74 28.70 -6.96
C TRP A 45 17.06 29.18 -7.57
N VAL A 46 17.04 29.51 -8.87
CA VAL A 46 18.29 29.73 -9.56
C VAL A 46 18.78 31.15 -9.26
N ALA A 47 17.86 32.11 -9.33
CA ALA A 47 18.21 33.50 -9.04
C ALA A 47 18.70 33.64 -7.61
N SER A 48 18.25 32.77 -6.69
CA SER A 48 18.79 32.68 -5.33
C SER A 48 20.25 32.27 -5.35
N GLY A 49 20.74 31.89 -6.55
CA GLY A 49 22.13 31.50 -6.75
C GLY A 49 22.37 30.02 -6.44
N ASN A 50 21.39 29.17 -6.71
CA ASN A 50 21.58 27.72 -6.64
C ASN A 50 21.78 27.21 -8.05
N LYS A 51 22.44 26.04 -8.16
CA LYS A 51 22.62 25.35 -9.44
C LYS A 51 21.26 25.07 -10.07
N ARG A 52 21.18 25.23 -11.39
CA ARG A 52 19.96 24.91 -12.13
C ARG A 52 19.65 23.42 -11.99
N PRO A 53 18.37 23.02 -11.81
CA PRO A 53 18.05 21.61 -11.53
C PRO A 53 18.39 20.83 -12.79
N HIS A 54 18.86 19.59 -12.59
CA HIS A 54 19.23 18.68 -13.66
C HIS A 54 18.58 17.31 -13.48
N LEU A 55 17.76 16.96 -14.48
CA LEU A 55 17.11 15.67 -14.59
C LEU A 55 17.87 14.78 -15.58
N SER A 56 18.30 13.59 -15.16
CA SER A 56 18.85 12.58 -16.06
C SER A 56 17.82 11.46 -16.31
N VAL A 57 17.57 11.17 -17.60
CA VAL A 57 16.78 10.04 -18.09
C VAL A 57 17.69 8.97 -18.72
N ILE A 58 17.43 7.68 -18.39
CA ILE A 58 18.07 6.52 -19.04
C ILE A 58 17.01 5.87 -19.92
N LEU A 59 17.32 5.67 -21.21
CA LEU A 59 16.33 5.13 -22.13
C LEU A 59 16.94 3.95 -22.86
N VAL A 60 16.32 2.77 -22.74
CA VAL A 60 16.90 1.52 -23.23
C VAL A 60 16.09 1.01 -24.43
N GLY A 61 16.81 0.72 -25.54
CA GLY A 61 16.18 0.14 -26.72
C GLY A 61 15.38 1.18 -27.49
N GLU A 62 14.26 0.75 -28.11
CA GLU A 62 13.56 1.61 -29.04
C GLU A 62 12.04 1.44 -28.96
N ASN A 63 11.49 1.12 -27.79
CA ASN A 63 10.04 1.17 -27.81
C ASN A 63 9.67 2.53 -28.41
N PRO A 64 8.81 2.59 -29.46
CA PRO A 64 8.41 3.86 -30.06
C PRO A 64 7.81 4.72 -28.95
N ALA A 65 6.74 4.23 -28.32
CA ALA A 65 6.08 4.84 -27.17
C ALA A 65 7.09 5.30 -26.10
N SER A 66 8.06 4.45 -25.75
CA SER A 66 9.06 4.89 -24.78
C SER A 66 9.73 6.18 -25.23
N HIS A 67 10.13 6.19 -26.50
CA HIS A 67 10.87 7.30 -27.09
C HIS A 67 10.05 8.58 -26.96
N SER A 68 8.75 8.41 -27.17
CA SER A 68 7.82 9.52 -27.24
C SER A 68 7.73 10.16 -25.85
N TYR A 69 7.66 9.27 -24.84
CA TYR A 69 7.47 9.66 -23.46
C TYR A 69 8.71 10.40 -22.98
N VAL A 70 9.90 9.91 -23.36
CA VAL A 70 11.11 10.54 -22.86
C VAL A 70 11.12 11.94 -23.44
N LEU A 71 10.54 12.05 -24.63
CA LEU A 71 10.66 13.30 -25.36
C LEU A 71 9.70 14.28 -24.69
N ASN A 72 8.54 13.75 -24.29
CA ASN A 72 7.58 14.54 -23.54
C ASN A 72 8.26 15.14 -22.30
N LYS A 73 8.99 14.30 -21.60
CA LYS A 73 9.63 14.68 -20.36
C LYS A 73 10.73 15.70 -20.59
N THR A 74 11.51 15.53 -21.67
CA THR A 74 12.64 16.42 -21.87
C THR A 74 12.13 17.76 -22.42
N ARG A 75 11.04 17.77 -23.20
CA ARG A 75 10.47 19.03 -23.63
C ARG A 75 10.07 19.80 -22.38
N ALA A 76 9.37 19.08 -21.49
CA ALA A 76 8.76 19.70 -20.33
C ALA A 76 9.85 20.30 -19.46
N ALA A 77 10.96 19.59 -19.32
CA ALA A 77 12.03 20.11 -18.51
C ALA A 77 12.55 21.39 -19.16
N ALA A 78 12.51 21.41 -20.50
CA ALA A 78 13.06 22.56 -21.22
C ALA A 78 12.17 23.75 -20.91
N VAL A 79 10.86 23.58 -21.09
CA VAL A 79 9.94 24.68 -20.90
C VAL A 79 9.94 25.17 -19.45
N VAL A 80 10.39 24.37 -18.47
CA VAL A 80 10.32 24.86 -17.10
C VAL A 80 11.69 25.29 -16.59
N GLY A 81 12.68 25.25 -17.50
CA GLY A 81 14.01 25.70 -17.10
C GLY A 81 14.74 24.64 -16.31
N ILE A 82 14.37 23.36 -16.51
CA ILE A 82 15.20 22.32 -15.90
C ILE A 82 16.13 21.73 -16.95
N ASN A 83 17.42 21.64 -16.62
CA ASN A 83 18.33 20.96 -17.53
C ASN A 83 18.03 19.46 -17.60
N SER A 84 18.15 18.88 -18.81
CA SER A 84 18.03 17.45 -18.94
C SER A 84 19.07 16.88 -19.92
N GLU A 85 19.37 15.59 -19.72
CA GLU A 85 20.01 14.75 -20.72
C GLU A 85 19.37 13.37 -20.70
N THR A 86 19.02 12.85 -21.88
CA THR A 86 18.71 11.44 -22.02
C THR A 86 19.95 10.62 -22.38
N ILE A 87 20.40 9.75 -21.49
CA ILE A 87 21.43 8.76 -21.78
C ILE A 87 20.80 7.49 -22.38
N MET A 88 20.99 7.27 -23.69
CA MET A 88 20.24 6.22 -24.36
C MET A 88 21.13 4.98 -24.56
N LYS A 89 20.55 3.78 -24.36
CA LYS A 89 21.33 2.54 -24.37
C LYS A 89 20.63 1.51 -25.24
N PRO A 90 21.39 0.56 -25.84
CA PRO A 90 20.81 -0.42 -26.76
C PRO A 90 20.04 -1.47 -25.94
N ALA A 91 18.93 -1.97 -26.48
CA ALA A 91 18.17 -3.03 -25.83
C ALA A 91 19.07 -4.18 -25.37
N SER A 92 20.25 -4.31 -25.99
CA SER A 92 21.13 -5.44 -25.81
C SER A 92 21.89 -5.28 -24.51
N ILE A 93 21.55 -4.22 -23.77
CA ILE A 93 22.42 -3.92 -22.65
C ILE A 93 22.12 -4.95 -21.56
N SER A 94 23.07 -5.12 -20.64
CA SER A 94 22.91 -6.08 -19.56
C SER A 94 22.42 -5.35 -18.33
N GLU A 95 21.53 -6.00 -17.58
CA GLU A 95 21.19 -5.58 -16.24
C GLU A 95 22.42 -5.03 -15.50
N GLU A 96 23.53 -5.78 -15.45
CA GLU A 96 24.61 -5.33 -14.58
C GLU A 96 25.17 -3.97 -15.02
N GLU A 97 25.17 -3.73 -16.33
CA GLU A 97 25.73 -2.50 -16.86
C GLU A 97 24.84 -1.35 -16.43
N LEU A 98 23.53 -1.51 -16.68
CA LEU A 98 22.50 -0.53 -16.33
C LEU A 98 22.64 -0.09 -14.87
N LEU A 99 23.05 -1.00 -13.98
CA LEU A 99 23.24 -0.69 -12.57
C LEU A 99 24.48 0.18 -12.43
N ASN A 100 25.33 0.13 -13.46
CA ASN A 100 26.61 0.80 -13.39
C ASN A 100 26.39 2.26 -13.75
N LEU A 101 25.68 2.45 -14.86
CA LEU A 101 25.23 3.77 -15.25
C LEU A 101 24.54 4.45 -14.06
N ILE A 102 23.47 3.79 -13.59
CA ILE A 102 22.64 4.30 -12.51
C ILE A 102 23.57 4.64 -11.36
N ASN A 103 24.62 3.85 -11.22
CA ASN A 103 25.41 4.17 -10.07
C ASN A 103 26.22 5.44 -10.31
N LYS A 104 26.67 5.67 -11.55
CA LYS A 104 27.43 6.86 -11.86
C LYS A 104 26.54 8.06 -11.48
N LEU A 105 25.35 8.08 -12.09
CA LEU A 105 24.37 9.14 -11.93
C LEU A 105 24.03 9.41 -10.47
N ASN A 106 23.82 8.38 -9.65
CA ASN A 106 23.47 8.62 -8.25
C ASN A 106 24.59 9.42 -7.58
N ASN A 107 25.79 9.36 -8.13
CA ASN A 107 26.97 9.83 -7.45
C ASN A 107 27.38 11.20 -8.00
N ASP A 108 26.72 11.57 -9.09
CA ASP A 108 27.00 12.82 -9.77
C ASP A 108 26.16 13.93 -9.12
N ASP A 109 26.80 14.75 -8.27
CA ASP A 109 26.12 15.81 -7.56
C ASP A 109 25.38 16.76 -8.51
N ASN A 110 25.77 16.78 -9.78
CA ASN A 110 25.08 17.64 -10.71
C ASN A 110 23.71 17.07 -11.06
N VAL A 111 23.53 15.76 -10.82
CA VAL A 111 22.27 15.13 -11.22
C VAL A 111 21.29 15.16 -10.06
N ASP A 112 20.11 15.75 -10.28
CA ASP A 112 19.21 15.95 -9.16
C ASP A 112 18.15 14.88 -9.14
N GLY A 113 17.44 14.76 -10.27
CA GLY A 113 16.48 13.72 -10.51
C GLY A 113 17.09 12.69 -11.46
N LEU A 114 16.63 11.44 -11.34
CA LEU A 114 17.11 10.39 -12.22
C LEU A 114 15.94 9.45 -12.48
N LEU A 115 15.67 9.17 -13.75
CA LEU A 115 14.62 8.20 -13.98
C LEU A 115 14.93 7.22 -15.13
N VAL A 116 14.41 6.00 -15.01
CA VAL A 116 14.67 4.97 -16.00
C VAL A 116 13.37 4.77 -16.78
N GLN A 117 13.39 5.08 -18.07
CA GLN A 117 12.13 4.88 -18.76
C GLN A 117 11.78 3.39 -18.70
N LEU A 118 10.49 3.05 -18.66
CA LEU A 118 9.99 1.68 -18.66
C LEU A 118 9.10 1.48 -19.88
N PRO A 119 8.89 0.23 -20.38
CA PRO A 119 9.38 -0.97 -19.70
C PRO A 119 10.81 -1.26 -20.11
N LEU A 120 11.51 -2.08 -19.32
CA LEU A 120 12.88 -2.43 -19.64
C LEU A 120 12.87 -3.78 -20.38
N PRO A 121 13.97 -4.20 -21.05
CA PRO A 121 13.97 -5.50 -21.73
C PRO A 121 14.00 -6.68 -20.75
N GLU A 122 13.33 -7.77 -21.17
CA GLU A 122 12.99 -8.84 -20.25
C GLU A 122 14.17 -9.47 -19.52
N HIS A 123 15.40 -9.34 -20.02
CA HIS A 123 16.55 -9.83 -19.26
C HIS A 123 16.97 -8.88 -18.17
N ILE A 124 16.19 -7.80 -17.99
CA ILE A 124 16.50 -6.88 -16.91
C ILE A 124 15.36 -6.87 -15.90
N ASP A 125 15.70 -7.04 -14.62
CA ASP A 125 14.71 -7.01 -13.54
C ASP A 125 14.40 -5.57 -13.11
N GLU A 126 13.18 -5.11 -13.42
CA GLU A 126 12.74 -3.75 -13.13
C GLU A 126 12.89 -3.40 -11.66
N ARG A 127 12.42 -4.30 -10.81
CA ARG A 127 12.34 -3.99 -9.40
C ARG A 127 13.74 -3.63 -8.90
N ARG A 128 14.72 -4.39 -9.38
CA ARG A 128 16.08 -4.18 -8.93
C ARG A 128 16.66 -2.88 -9.51
N ILE A 129 16.22 -2.51 -10.73
CA ILE A 129 16.61 -1.25 -11.37
C ILE A 129 15.95 -0.09 -10.60
N CYS A 130 14.61 -0.15 -10.44
CA CYS A 130 13.92 0.84 -9.64
C CYS A 130 14.57 1.02 -8.27
N ASN A 131 15.08 -0.06 -7.68
CA ASN A 131 15.64 0.09 -6.33
C ASN A 131 17.09 0.54 -6.42
N ALA A 132 17.62 0.55 -7.63
CA ALA A 132 18.98 1.02 -7.86
C ALA A 132 19.03 2.55 -7.70
N VAL A 133 18.02 3.25 -8.21
CA VAL A 133 18.05 4.70 -8.25
C VAL A 133 18.00 5.23 -6.82
N SER A 134 18.85 6.21 -6.51
CA SER A 134 18.83 6.78 -5.17
C SER A 134 17.45 7.37 -4.85
N PRO A 135 16.85 7.07 -3.67
CA PRO A 135 15.49 7.53 -3.36
C PRO A 135 15.36 9.04 -3.38
N ASP A 136 16.47 9.74 -3.12
CA ASP A 136 16.43 11.19 -3.07
C ASP A 136 16.39 11.80 -4.47
N LYS A 137 16.81 11.02 -5.47
CA LYS A 137 16.73 11.44 -6.87
C LYS A 137 15.61 10.73 -7.63
N ASP A 138 14.81 9.93 -6.91
CA ASP A 138 13.89 8.99 -7.53
C ASP A 138 12.60 9.71 -7.96
N VAL A 139 12.68 10.52 -9.01
CA VAL A 139 11.54 11.36 -9.35
C VAL A 139 10.35 10.54 -9.87
N ASP A 140 10.53 9.23 -10.14
CA ASP A 140 9.36 8.42 -10.48
C ASP A 140 8.69 7.87 -9.22
N GLY A 141 9.42 7.89 -8.09
CA GLY A 141 8.90 7.40 -6.83
C GLY A 141 8.68 5.90 -6.79
N PHE A 142 9.47 5.12 -7.57
CA PHE A 142 9.22 3.70 -7.71
C PHE A 142 10.14 2.88 -6.79
N HIS A 143 11.13 3.52 -6.18
CA HIS A 143 11.99 2.86 -5.23
C HIS A 143 11.22 2.36 -3.99
N VAL A 144 11.57 1.16 -3.52
CA VAL A 144 10.80 0.50 -2.47
C VAL A 144 10.67 1.40 -1.23
N ILE A 145 11.71 2.16 -0.89
CA ILE A 145 11.60 3.09 0.22
C ILE A 145 10.53 4.17 -0.01
N ASN A 146 10.47 4.70 -1.23
CA ASN A 146 9.45 5.69 -1.56
C ASN A 146 8.07 5.06 -1.52
N VAL A 147 8.01 3.75 -1.82
CA VAL A 147 6.71 3.08 -1.84
C VAL A 147 6.27 2.89 -0.40
N GLY A 148 7.21 2.40 0.43
CA GLY A 148 7.02 2.23 1.86
C GLY A 148 6.55 3.53 2.49
N ARG A 149 7.31 4.62 2.24
CA ARG A 149 6.98 5.88 2.87
C ARG A 149 5.56 6.31 2.45
N MET A 150 5.24 6.19 1.16
CA MET A 150 3.94 6.60 0.68
C MET A 150 2.86 5.75 1.35
N CYS A 151 3.15 4.46 1.59
CA CYS A 151 2.12 3.60 2.13
C CYS A 151 1.98 3.82 3.63
N LEU A 152 2.97 4.49 4.22
CA LEU A 152 2.85 4.88 5.62
C LEU A 152 2.38 6.33 5.76
N ASP A 153 1.95 7.01 4.68
CA ASP A 153 1.44 8.37 4.76
C ASP A 153 2.54 9.34 5.19
N GLN A 154 3.79 8.99 4.89
CA GLN A 154 4.92 9.88 5.16
C GLN A 154 5.28 10.68 3.90
N TYR A 155 6.02 11.79 4.07
CA TYR A 155 6.47 12.56 2.93
C TYR A 155 7.26 11.61 2.06
N SER A 156 6.97 11.62 0.76
CA SER A 156 7.73 10.81 -0.17
C SER A 156 7.68 11.42 -1.56
N MET A 157 8.61 10.95 -2.38
CA MET A 157 8.60 11.23 -3.80
C MET A 157 7.43 10.43 -4.40
N LEU A 158 6.29 11.09 -4.55
CA LEU A 158 5.08 10.46 -5.06
C LEU A 158 5.23 10.18 -6.55
N PRO A 159 4.63 9.07 -7.02
CA PRO A 159 4.64 8.71 -8.43
C PRO A 159 3.77 9.67 -9.25
N ALA A 160 4.27 10.05 -10.43
CA ALA A 160 3.74 11.16 -11.21
C ALA A 160 2.27 10.96 -11.57
N THR A 161 1.93 9.77 -12.07
CA THR A 161 0.58 9.57 -12.58
C THR A 161 -0.47 9.66 -11.48
N PRO A 162 -0.31 8.92 -10.35
CA PRO A 162 -1.29 8.99 -9.26
C PRO A 162 -1.33 10.41 -8.70
N TRP A 163 -0.16 11.04 -8.62
CA TRP A 163 -0.15 12.40 -8.08
C TRP A 163 -0.96 13.34 -8.99
N GLY A 164 -0.70 13.24 -10.29
CA GLY A 164 -1.51 13.93 -11.28
C GLY A 164 -3.00 13.66 -11.09
N VAL A 165 -3.39 12.39 -10.90
CA VAL A 165 -4.80 12.09 -10.72
C VAL A 165 -5.35 12.88 -9.55
N TRP A 166 -4.52 13.00 -8.51
CA TRP A 166 -4.97 13.60 -7.27
C TRP A 166 -5.10 15.11 -7.48
N GLU A 167 -4.17 15.66 -8.27
CA GLU A 167 -4.13 17.07 -8.56
C GLU A 167 -5.34 17.46 -9.41
N ILE A 168 -5.74 16.60 -10.33
CA ILE A 168 -6.92 16.91 -11.10
C ILE A 168 -8.10 17.06 -10.16
N ILE A 169 -8.23 16.07 -9.26
CA ILE A 169 -9.35 16.11 -8.35
C ILE A 169 -9.24 17.35 -7.46
N LYS A 170 -8.08 17.55 -6.83
CA LYS A 170 -7.95 18.65 -5.87
C LYS A 170 -8.15 20.00 -6.58
N ARG A 171 -7.58 20.17 -7.76
CA ARG A 171 -7.63 21.49 -8.37
C ARG A 171 -9.01 21.75 -8.98
N THR A 172 -9.74 20.70 -9.35
CA THR A 172 -11.10 20.90 -9.82
C THR A 172 -12.06 21.14 -8.65
N GLY A 173 -11.59 21.06 -7.41
CA GLY A 173 -12.47 21.30 -6.27
C GLY A 173 -13.44 20.15 -6.00
N ILE A 174 -13.24 18.99 -6.64
CA ILE A 174 -14.10 17.83 -6.39
C ILE A 174 -13.79 17.28 -5.00
N PRO A 175 -14.77 17.22 -4.06
CA PRO A 175 -14.49 16.76 -2.70
C PRO A 175 -14.29 15.23 -2.64
N THR A 176 -13.58 14.76 -1.61
CA THR A 176 -13.24 13.34 -1.54
C THR A 176 -13.55 12.77 -0.15
N LEU A 177 -13.35 13.59 0.90
CA LEU A 177 -13.55 13.17 2.28
C LEU A 177 -14.97 12.65 2.52
N GLY A 178 -15.08 11.35 2.80
CA GLY A 178 -16.38 10.75 3.09
C GLY A 178 -17.01 10.10 1.86
N LYS A 179 -16.49 10.43 0.68
CA LYS A 179 -17.11 10.08 -0.59
C LYS A 179 -16.65 8.67 -1.01
N ASN A 180 -17.29 8.12 -2.04
CA ASN A 180 -16.91 6.79 -2.45
C ASN A 180 -16.15 6.83 -3.77
N VAL A 181 -15.01 6.14 -3.80
CA VAL A 181 -14.20 6.11 -5.00
C VAL A 181 -14.01 4.66 -5.43
N VAL A 182 -14.08 4.45 -6.74
CA VAL A 182 -13.74 3.15 -7.25
C VAL A 182 -12.62 3.34 -8.25
N VAL A 183 -11.53 2.58 -8.05
CA VAL A 183 -10.39 2.53 -8.96
C VAL A 183 -10.39 1.18 -9.65
N ALA A 184 -10.39 1.22 -10.97
CA ALA A 184 -10.23 0.00 -11.74
C ALA A 184 -8.77 -0.08 -12.12
N GLY A 185 -8.09 -1.14 -11.64
CA GLY A 185 -6.67 -1.36 -11.84
C GLY A 185 -5.94 -1.29 -10.51
N ARG A 186 -4.81 -2.00 -10.40
CA ARG A 186 -4.16 -2.16 -9.11
C ARG A 186 -2.67 -2.33 -9.36
N SER A 187 -2.21 -1.79 -10.49
CA SER A 187 -0.77 -1.82 -10.74
C SER A 187 -0.07 -1.05 -9.64
N LYS A 188 1.20 -1.42 -9.42
CA LYS A 188 1.98 -0.84 -8.35
C LYS A 188 2.38 0.59 -8.70
N ASN A 189 2.34 0.93 -9.98
CA ASN A 189 2.86 2.19 -10.48
C ASN A 189 1.71 3.19 -10.65
N VAL A 190 0.45 2.72 -10.69
CA VAL A 190 -0.67 3.60 -10.98
C VAL A 190 -1.86 3.26 -10.09
N GLY A 191 -2.41 2.07 -10.25
CA GLY A 191 -3.66 1.77 -9.57
C GLY A 191 -3.53 1.78 -8.06
N MET A 192 -2.51 1.08 -7.56
CA MET A 192 -2.43 0.90 -6.11
C MET A 192 -2.17 2.26 -5.44
N PRO A 193 -1.20 3.09 -5.93
CA PRO A 193 -0.90 4.37 -5.30
C PRO A 193 -2.05 5.38 -5.35
N ILE A 194 -2.89 5.27 -6.38
CA ILE A 194 -4.03 6.15 -6.45
C ILE A 194 -4.94 5.80 -5.29
N ALA A 195 -5.24 4.49 -5.18
CA ALA A 195 -6.07 3.96 -4.10
C ALA A 195 -5.48 4.33 -2.73
N MET A 196 -4.16 4.25 -2.62
CA MET A 196 -3.49 4.63 -1.40
C MET A 196 -3.72 6.12 -1.13
N LEU A 197 -3.44 7.01 -2.09
CA LEU A 197 -3.62 8.43 -1.78
C LEU A 197 -5.06 8.74 -1.36
N LEU A 198 -6.03 8.18 -2.07
CA LEU A 198 -7.36 8.68 -1.86
C LEU A 198 -8.04 8.20 -0.57
N HIS A 199 -7.61 7.06 0.00
CA HIS A 199 -8.33 6.53 1.16
C HIS A 199 -7.72 7.05 2.46
N THR A 200 -6.50 7.62 2.40
CA THR A 200 -5.75 7.85 3.63
C THR A 200 -6.10 9.17 4.32
N ASP A 201 -5.58 9.31 5.52
CA ASP A 201 -5.96 10.37 6.44
C ASP A 201 -5.47 11.72 5.94
N GLY A 202 -6.37 12.71 6.00
CA GLY A 202 -6.02 14.08 5.64
C GLY A 202 -5.07 14.69 6.66
N ALA A 203 -5.00 14.09 7.85
CA ALA A 203 -4.20 14.66 8.93
C ALA A 203 -2.75 14.16 8.92
N HIS A 204 -2.44 13.16 8.08
CA HIS A 204 -1.13 12.52 8.20
C HIS A 204 -0.05 13.34 7.52
N GLU A 205 1.20 13.00 7.85
CA GLU A 205 2.34 13.74 7.36
C GLU A 205 2.16 14.07 5.88
N ARG A 206 1.85 13.05 5.06
CA ARG A 206 1.41 13.25 3.68
C ARG A 206 -0.09 13.00 3.65
N PRO A 207 -0.89 14.08 3.47
CA PRO A 207 -2.34 14.00 3.56
C PRO A 207 -2.89 13.08 2.48
N GLY A 208 -3.94 12.34 2.83
CA GLY A 208 -4.70 11.55 1.88
C GLY A 208 -6.08 12.18 1.72
N GLY A 209 -6.99 11.44 1.09
CA GLY A 209 -8.24 11.99 0.60
C GLY A 209 -9.44 11.62 1.47
N ASP A 210 -9.21 10.75 2.46
CA ASP A 210 -10.27 10.38 3.38
C ASP A 210 -11.50 9.86 2.63
N ALA A 211 -11.29 9.29 1.45
CA ALA A 211 -12.39 8.69 0.71
C ALA A 211 -12.58 7.23 1.15
N THR A 212 -13.74 6.68 0.76
CA THR A 212 -13.97 5.25 0.89
C THR A 212 -13.72 4.59 -0.45
N VAL A 213 -12.64 3.80 -0.52
CA VAL A 213 -12.16 3.42 -1.83
C VAL A 213 -12.35 1.93 -2.08
N THR A 214 -12.78 1.60 -3.30
CA THR A 214 -12.89 0.22 -3.74
C THR A 214 -11.83 -0.03 -4.82
N ILE A 215 -10.98 -1.04 -4.60
CA ILE A 215 -10.01 -1.50 -5.59
C ILE A 215 -10.65 -2.67 -6.33
N SER A 216 -10.71 -2.55 -7.67
CA SER A 216 -11.16 -3.59 -8.55
C SER A 216 -10.03 -3.84 -9.53
N HIS A 217 -10.05 -4.98 -10.23
CA HIS A 217 -8.96 -5.39 -11.09
C HIS A 217 -9.46 -6.44 -12.07
N ARG A 218 -8.54 -7.10 -12.77
CA ARG A 218 -8.84 -8.06 -13.82
C ARG A 218 -9.70 -9.24 -13.33
N TYR A 219 -9.85 -9.47 -12.01
CA TYR A 219 -10.74 -10.55 -11.61
C TYR A 219 -11.99 -10.03 -10.93
N THR A 220 -12.26 -8.73 -11.05
CA THR A 220 -13.56 -8.28 -10.62
C THR A 220 -14.58 -8.65 -11.69
N PRO A 221 -15.71 -9.30 -11.34
CA PRO A 221 -16.74 -9.57 -12.33
C PRO A 221 -17.33 -8.24 -12.81
N LYS A 222 -17.68 -8.16 -14.11
CA LYS A 222 -18.28 -6.97 -14.68
C LYS A 222 -19.54 -6.56 -13.89
N GLU A 223 -20.34 -7.54 -13.45
CA GLU A 223 -21.54 -7.21 -12.72
C GLU A 223 -21.16 -6.56 -11.38
N GLN A 224 -19.92 -6.81 -10.95
CA GLN A 224 -19.46 -6.40 -9.63
C GLN A 224 -18.85 -5.01 -9.69
N LEU A 225 -18.01 -4.80 -10.70
CA LEU A 225 -17.57 -3.47 -11.08
C LEU A 225 -18.77 -2.52 -11.04
N LYS A 226 -19.74 -2.80 -11.93
CA LYS A 226 -20.91 -1.95 -12.09
C LYS A 226 -21.59 -1.79 -10.73
N LYS A 227 -21.69 -2.88 -9.97
CA LYS A 227 -22.39 -2.77 -8.70
C LYS A 227 -21.70 -1.75 -7.78
N HIS A 228 -20.40 -1.47 -8.03
CA HIS A 228 -19.63 -0.59 -7.14
C HIS A 228 -19.53 0.82 -7.73
N THR A 229 -19.17 0.90 -9.01
CA THR A 229 -19.08 2.19 -9.67
C THR A 229 -20.37 2.97 -9.50
N ILE A 230 -21.50 2.24 -9.54
CA ILE A 230 -22.85 2.79 -9.50
C ILE A 230 -23.03 3.58 -8.22
N LEU A 231 -22.22 3.27 -7.21
CA LEU A 231 -22.42 3.94 -5.95
C LEU A 231 -21.42 5.09 -5.81
N ALA A 232 -20.53 5.25 -6.80
CA ALA A 232 -19.31 6.03 -6.65
C ALA A 232 -19.50 7.51 -6.99
N ASP A 233 -19.02 8.39 -6.10
CA ASP A 233 -18.89 9.81 -6.40
C ASP A 233 -17.70 10.05 -7.32
N ILE A 234 -16.67 9.18 -7.26
CA ILE A 234 -15.54 9.30 -8.18
C ILE A 234 -15.16 7.94 -8.74
N VAL A 235 -15.03 7.86 -10.07
CA VAL A 235 -14.56 6.64 -10.67
C VAL A 235 -13.26 6.98 -11.37
N ILE A 236 -12.25 6.13 -11.18
CA ILE A 236 -10.93 6.35 -11.72
C ILE A 236 -10.54 5.07 -12.44
N SER A 237 -10.35 5.14 -13.75
CA SER A 237 -10.09 3.90 -14.47
C SER A 237 -8.65 3.88 -14.92
N ALA A 238 -7.94 2.79 -14.55
CA ALA A 238 -6.59 2.57 -15.02
C ALA A 238 -6.42 1.11 -15.42
N ALA A 239 -7.29 0.58 -16.29
CA ALA A 239 -7.21 -0.82 -16.66
C ALA A 239 -6.57 -1.04 -18.03
N GLY A 240 -6.70 -0.06 -18.93
CA GLY A 240 -6.30 -0.29 -20.32
C GLY A 240 -7.32 -1.15 -21.08
N ILE A 241 -8.60 -0.80 -20.90
CA ILE A 241 -9.72 -1.50 -21.51
C ILE A 241 -10.72 -0.46 -22.01
N PRO A 242 -10.86 -0.29 -23.35
CA PRO A 242 -11.77 0.71 -23.90
C PRO A 242 -13.20 0.38 -23.50
N ASN A 243 -13.96 1.44 -23.24
CA ASN A 243 -15.35 1.35 -22.87
C ASN A 243 -15.55 0.34 -21.76
N LEU A 244 -14.54 0.21 -20.90
CA LEU A 244 -14.75 -0.49 -19.63
C LEU A 244 -15.80 0.27 -18.82
N ILE A 245 -15.78 1.60 -18.92
CA ILE A 245 -16.73 2.40 -18.14
C ILE A 245 -17.78 2.97 -19.10
N THR A 246 -19.06 2.70 -18.81
CA THR A 246 -20.13 3.22 -19.64
C THR A 246 -21.17 3.82 -18.71
N ALA A 247 -22.07 4.65 -19.26
CA ALA A 247 -22.83 5.61 -18.48
C ALA A 247 -23.80 4.93 -17.50
N ASP A 248 -24.07 3.63 -17.75
CA ASP A 248 -25.01 2.86 -16.96
C ASP A 248 -24.32 2.42 -15.67
N MET A 249 -22.98 2.46 -15.70
CA MET A 249 -22.13 2.10 -14.57
C MET A 249 -22.00 3.29 -13.63
N ILE A 250 -22.15 4.49 -14.19
CA ILE A 250 -21.73 5.73 -13.55
C ILE A 250 -22.94 6.39 -12.91
N LYS A 251 -22.80 6.76 -11.64
CA LYS A 251 -23.87 7.52 -11.00
C LYS A 251 -24.01 8.88 -11.67
N GLU A 252 -25.22 9.47 -11.59
CA GLU A 252 -25.50 10.80 -12.09
C GLU A 252 -24.83 11.83 -11.17
N GLY A 253 -23.93 12.63 -11.77
CA GLY A 253 -23.24 13.69 -11.05
C GLY A 253 -21.78 13.35 -10.77
N ALA A 254 -21.39 12.09 -11.01
CA ALA A 254 -20.10 11.57 -10.59
C ALA A 254 -18.97 12.20 -11.39
N ALA A 255 -17.77 12.21 -10.79
CA ALA A 255 -16.57 12.59 -11.51
C ALA A 255 -15.95 11.32 -12.05
N VAL A 256 -15.52 11.35 -13.30
CA VAL A 256 -14.90 10.19 -13.91
C VAL A 256 -13.54 10.59 -14.46
N ILE A 257 -12.46 9.98 -13.94
CA ILE A 257 -11.09 10.27 -14.34
C ILE A 257 -10.55 9.11 -15.16
N ASP A 258 -10.10 9.43 -16.38
CA ASP A 258 -9.70 8.38 -17.31
C ASP A 258 -8.17 8.30 -17.43
N VAL A 259 -7.59 7.28 -16.77
CA VAL A 259 -6.16 7.10 -16.74
C VAL A 259 -5.71 6.26 -17.94
N GLY A 260 -6.66 5.55 -18.57
CA GLY A 260 -6.27 4.62 -19.62
C GLY A 260 -5.79 5.34 -20.89
N ILE A 261 -4.83 4.71 -21.59
CA ILE A 261 -4.43 5.15 -22.91
C ILE A 261 -4.31 3.92 -23.82
N ASN A 262 -5.39 3.67 -24.58
CA ASN A 262 -5.52 2.52 -25.47
C ASN A 262 -5.42 2.95 -26.93
N ARG A 263 -4.71 2.16 -27.77
CA ARG A 263 -4.61 2.41 -29.21
C ARG A 263 -5.67 1.63 -30.00
N VAL A 264 -6.76 2.29 -30.44
CA VAL A 264 -7.76 1.69 -31.33
C VAL A 264 -7.37 1.96 -32.80
N HIS A 265 -8.03 1.31 -33.77
CA HIS A 265 -7.57 1.38 -35.15
C HIS A 265 -8.71 1.74 -36.14
N LYS A 271 -7.03 4.29 -39.97
CA LYS A 271 -5.93 4.98 -39.27
C LYS A 271 -6.00 4.69 -37.77
N PRO A 272 -4.87 4.72 -37.01
CA PRO A 272 -4.86 4.40 -35.57
C PRO A 272 -4.93 5.61 -34.64
N LYS A 273 -5.83 5.58 -33.64
CA LYS A 273 -5.91 6.65 -32.66
C LYS A 273 -5.63 6.13 -31.23
N LEU A 274 -6.11 6.91 -30.24
CA LEU A 274 -5.88 6.69 -28.81
C LEU A 274 -7.19 6.93 -28.07
N VAL A 275 -7.51 6.08 -27.08
CA VAL A 275 -8.74 6.26 -26.32
C VAL A 275 -8.55 5.88 -24.85
N GLY A 276 -9.55 6.25 -24.04
CA GLY A 276 -9.60 5.88 -22.64
C GLY A 276 -10.39 4.59 -22.41
N ASP A 277 -10.42 4.17 -21.13
CA ASP A 277 -11.21 3.07 -20.61
C ASP A 277 -12.63 3.55 -20.40
N VAL A 278 -12.87 4.83 -20.66
CA VAL A 278 -14.22 5.35 -20.49
C VAL A 278 -14.89 5.47 -21.87
N ASP A 279 -16.22 5.31 -21.86
CA ASP A 279 -17.02 5.65 -23.02
C ASP A 279 -17.35 7.14 -22.94
N PHE A 280 -16.43 7.93 -23.51
CA PHE A 280 -16.37 9.38 -23.33
C PHE A 280 -17.71 10.01 -23.68
N GLU A 281 -18.16 9.72 -24.91
CA GLU A 281 -19.38 10.22 -25.53
C GLU A 281 -20.60 9.81 -24.70
N GLY A 282 -20.68 8.53 -24.37
CA GLY A 282 -21.75 8.06 -23.50
C GLY A 282 -21.70 8.71 -22.12
N VAL A 283 -20.51 8.72 -21.48
CA VAL A 283 -20.43 8.92 -20.04
C VAL A 283 -20.70 10.38 -19.69
N ARG A 284 -20.37 11.29 -20.64
CA ARG A 284 -20.45 12.71 -20.36
C ARG A 284 -21.90 13.16 -20.24
N GLN A 285 -22.83 12.24 -20.59
CA GLN A 285 -24.25 12.50 -20.47
C GLN A 285 -24.68 12.39 -19.02
N LYS A 286 -24.17 11.36 -18.30
CA LYS A 286 -24.54 11.12 -16.92
C LYS A 286 -23.67 11.89 -15.93
N ALA A 287 -22.37 12.08 -16.26
CA ALA A 287 -21.33 12.44 -15.29
C ALA A 287 -21.32 13.93 -14.96
N GLY A 288 -20.92 14.26 -13.74
CA GLY A 288 -20.74 15.65 -13.34
C GLY A 288 -19.41 16.25 -13.83
N TYR A 289 -18.44 15.38 -14.12
CA TYR A 289 -17.14 15.77 -14.63
C TYR A 289 -16.46 14.61 -15.32
N ILE A 290 -15.55 14.93 -16.24
CA ILE A 290 -14.86 13.85 -16.94
C ILE A 290 -13.55 14.40 -17.46
N THR A 291 -12.63 13.48 -17.76
CA THR A 291 -11.35 13.86 -18.33
C THR A 291 -11.25 13.22 -19.71
N PRO A 292 -10.86 14.00 -20.73
CA PRO A 292 -10.69 13.43 -22.06
C PRO A 292 -9.43 12.58 -22.11
N VAL A 293 -9.46 11.56 -22.98
CA VAL A 293 -8.25 11.04 -23.56
C VAL A 293 -8.39 11.25 -25.05
N PRO A 294 -7.39 11.77 -25.76
CA PRO A 294 -6.18 12.32 -25.14
C PRO A 294 -6.49 13.59 -24.36
N GLY A 295 -5.45 14.23 -23.79
CA GLY A 295 -5.51 15.56 -23.19
C GLY A 295 -6.01 15.62 -21.74
N GLY A 296 -6.14 14.47 -21.06
CA GLY A 296 -6.42 14.50 -19.64
C GLY A 296 -5.20 14.17 -18.78
N VAL A 297 -5.16 12.95 -18.24
CA VAL A 297 -4.21 12.55 -17.22
C VAL A 297 -2.80 12.53 -17.80
N GLY A 298 -2.70 12.13 -19.08
CA GLY A 298 -1.40 11.97 -19.71
C GLY A 298 -0.47 13.16 -19.45
N PRO A 299 -0.83 14.38 -19.88
CA PRO A 299 0.03 15.55 -19.64
C PRO A 299 0.20 15.92 -18.17
N MET A 300 -0.82 15.67 -17.34
CA MET A 300 -0.63 15.81 -15.90
C MET A 300 0.55 14.94 -15.39
N THR A 301 0.70 13.75 -15.96
CA THR A 301 1.80 12.91 -15.52
C THR A 301 3.11 13.66 -15.70
N VAL A 302 3.28 14.26 -16.87
CA VAL A 302 4.58 14.85 -17.16
C VAL A 302 4.78 16.08 -16.29
N ALA A 303 3.66 16.76 -15.97
CA ALA A 303 3.74 17.95 -15.14
C ALA A 303 4.24 17.57 -13.74
N MET A 304 3.61 16.54 -13.14
CA MET A 304 3.97 16.16 -11.78
C MET A 304 5.42 15.66 -11.75
N LEU A 305 5.92 15.13 -12.86
CA LEU A 305 7.32 14.76 -12.88
C LEU A 305 8.21 16.00 -12.72
N MET A 306 7.83 17.12 -13.35
CA MET A 306 8.60 18.35 -13.18
C MET A 306 8.56 18.83 -11.72
N LYS A 307 7.37 18.74 -11.09
CA LYS A 307 7.28 19.04 -9.66
C LYS A 307 8.29 18.20 -8.86
N ASN A 308 8.40 16.89 -9.15
CA ASN A 308 9.28 16.03 -8.36
C ASN A 308 10.74 16.46 -8.60
N THR A 309 11.03 16.96 -9.80
CA THR A 309 12.43 17.29 -10.07
C THR A 309 12.86 18.51 -9.27
N ILE A 310 11.97 19.52 -9.21
CA ILE A 310 12.32 20.71 -8.44
C ILE A 310 12.39 20.32 -6.96
N ILE A 311 11.48 19.44 -6.52
CA ILE A 311 11.56 18.99 -5.13
C ILE A 311 12.91 18.30 -4.87
N ALA A 312 13.40 17.49 -5.82
CA ALA A 312 14.62 16.71 -5.64
C ALA A 312 15.82 17.63 -5.64
N ALA A 313 15.80 18.63 -6.54
CA ALA A 313 16.87 19.61 -6.59
C ALA A 313 16.99 20.38 -5.27
N LYS A 314 15.87 20.50 -4.54
CA LYS A 314 15.91 21.27 -3.30
C LYS A 314 16.40 20.42 -2.14
N LYS A 315 16.68 19.13 -2.40
CA LYS A 315 17.06 18.19 -1.35
C LYS A 315 16.25 18.49 -0.11
N VAL A 316 14.97 18.83 -0.33
CA VAL A 316 13.99 19.14 0.71
C VAL A 316 13.59 17.87 1.46
N LEU A 317 13.54 16.73 0.76
CA LEU A 317 13.18 15.47 1.39
C LEU A 317 14.42 14.59 1.61
N ARG A 318 15.45 15.13 2.31
CA ARG A 318 16.71 14.44 2.53
C ARG A 318 16.52 13.35 3.59
N GLU B 21 -27.17 -22.15 9.98
CA GLU B 21 -26.76 -20.96 10.79
C GLU B 21 -25.25 -20.72 10.63
N ALA B 22 -24.64 -19.93 11.52
CA ALA B 22 -23.30 -19.39 11.25
C ALA B 22 -22.18 -20.19 11.92
N VAL B 23 -21.33 -20.84 11.11
CA VAL B 23 -20.14 -21.54 11.61
C VAL B 23 -19.28 -20.57 12.43
N VAL B 24 -19.02 -20.90 13.70
CA VAL B 24 -18.01 -20.13 14.42
C VAL B 24 -16.63 -20.75 14.15
N ILE B 25 -15.67 -19.90 13.78
CA ILE B 25 -14.33 -20.37 13.48
C ILE B 25 -13.54 -20.21 14.77
N SER B 26 -12.83 -21.28 15.15
CA SER B 26 -12.01 -21.22 16.33
C SER B 26 -10.61 -20.70 15.98
N GLY B 27 -10.37 -19.47 16.41
CA GLY B 27 -9.03 -18.94 16.26
C GLY B 27 -8.06 -19.74 17.12
N ARG B 28 -8.59 -20.24 18.24
CA ARG B 28 -7.82 -21.00 19.20
C ARG B 28 -7.32 -22.28 18.55
N LYS B 29 -8.19 -22.95 17.81
CA LYS B 29 -7.76 -24.22 17.24
C LYS B 29 -6.82 -23.99 16.06
N LEU B 30 -7.11 -23.00 15.20
CA LEU B 30 -6.23 -22.74 14.06
C LEU B 30 -4.88 -22.25 14.55
N ALA B 31 -4.90 -21.37 15.55
CA ALA B 31 -3.63 -20.91 16.07
C ALA B 31 -2.84 -22.11 16.59
N GLN B 32 -3.57 -23.05 17.18
CA GLN B 32 -2.93 -24.25 17.71
C GLN B 32 -2.35 -25.11 16.59
N GLN B 33 -3.03 -25.15 15.45
CA GLN B 33 -2.60 -25.89 14.28
C GLN B 33 -1.29 -25.30 13.74
N ILE B 34 -1.16 -23.96 13.78
CA ILE B 34 -0.04 -23.29 13.16
C ILE B 34 1.17 -23.44 14.06
N LYS B 35 0.88 -23.36 15.37
CA LYS B 35 1.89 -23.56 16.41
C LYS B 35 2.54 -24.94 16.26
N GLN B 36 1.71 -25.94 15.97
CA GLN B 36 2.17 -27.31 15.81
C GLN B 36 3.07 -27.39 14.58
N GLU B 37 2.67 -26.73 13.49
CA GLU B 37 3.50 -26.64 12.30
C GLU B 37 4.85 -26.01 12.62
N VAL B 38 4.84 -24.90 13.36
CA VAL B 38 6.10 -24.23 13.62
C VAL B 38 7.00 -25.09 14.52
N ARG B 39 6.37 -25.68 15.55
CA ARG B 39 7.04 -26.56 16.47
C ARG B 39 7.81 -27.63 15.70
N GLN B 40 7.13 -28.20 14.71
CA GLN B 40 7.74 -29.27 13.94
C GLN B 40 8.84 -28.70 13.06
N GLU B 41 8.58 -27.53 12.49
CA GLU B 41 9.56 -26.95 11.59
C GLU B 41 10.83 -26.58 12.36
N VAL B 42 10.68 -26.19 13.64
CA VAL B 42 11.80 -25.87 14.50
C VAL B 42 12.58 -27.15 14.87
N GLU B 43 11.86 -28.24 15.21
CA GLU B 43 12.52 -29.51 15.52
C GLU B 43 13.40 -29.92 14.35
N GLU B 44 12.81 -30.01 13.16
CA GLU B 44 13.61 -30.44 12.02
C GLU B 44 14.84 -29.56 11.93
N TRP B 45 14.60 -28.25 12.01
CA TRP B 45 15.62 -27.24 11.83
C TRP B 45 16.73 -27.40 12.89
N VAL B 46 16.35 -27.67 14.14
CA VAL B 46 17.41 -27.84 15.11
C VAL B 46 18.11 -29.17 14.85
N ALA B 47 17.31 -30.20 14.50
CA ALA B 47 17.84 -31.53 14.23
C ALA B 47 18.83 -31.50 13.08
N SER B 48 18.64 -30.61 12.09
CA SER B 48 19.58 -30.45 10.99
C SER B 48 20.90 -29.89 11.48
N GLY B 49 21.01 -29.55 12.76
CA GLY B 49 22.28 -29.04 13.24
C GLY B 49 22.26 -27.53 13.41
N ASN B 50 21.11 -26.90 13.14
CA ASN B 50 21.02 -25.44 13.20
C ASN B 50 20.77 -24.95 14.63
N LYS B 51 21.24 -23.72 14.87
CA LYS B 51 21.03 -22.98 16.10
C LYS B 51 19.52 -22.95 16.42
N ARG B 52 19.16 -22.97 17.70
CA ARG B 52 17.74 -22.88 18.01
C ARG B 52 17.26 -21.43 17.77
N PRO B 53 16.12 -21.19 17.09
CA PRO B 53 15.66 -19.81 16.89
C PRO B 53 15.56 -19.08 18.23
N HIS B 54 16.01 -17.83 18.24
CA HIS B 54 15.79 -16.98 19.40
C HIS B 54 15.02 -15.70 19.04
N LEU B 55 13.94 -15.43 19.78
CA LEU B 55 13.15 -14.20 19.69
C LEU B 55 13.41 -13.29 20.89
N SER B 56 13.84 -12.04 20.61
CA SER B 56 13.93 -10.98 21.62
C SER B 56 12.74 -10.01 21.55
N VAL B 57 12.14 -9.72 22.71
CA VAL B 57 11.04 -8.76 22.79
C VAL B 57 11.46 -7.62 23.71
N ILE B 58 11.30 -6.37 23.25
CA ILE B 58 11.56 -5.21 24.09
C ILE B 58 10.24 -4.66 24.61
N LEU B 59 10.16 -4.51 25.93
CA LEU B 59 9.01 -3.88 26.54
C LEU B 59 9.47 -2.57 27.19
N VAL B 60 8.74 -1.48 26.90
CA VAL B 60 9.03 -0.19 27.51
C VAL B 60 7.85 0.19 28.38
N GLY B 61 8.13 0.55 29.63
CA GLY B 61 7.04 0.97 30.52
C GLY B 61 6.21 -0.20 31.01
N GLU B 62 4.95 0.09 31.37
CA GLU B 62 4.20 -0.80 32.23
C GLU B 62 2.75 -0.84 31.79
N ASN B 63 2.50 -0.55 30.51
CA ASN B 63 1.12 -0.70 30.04
C ASN B 63 0.69 -2.13 30.36
N PRO B 64 -0.34 -2.32 31.22
CA PRO B 64 -0.86 -3.66 31.51
C PRO B 64 -1.10 -4.49 30.25
N ALA B 65 -1.83 -3.94 29.28
CA ALA B 65 -2.14 -4.74 28.09
C ALA B 65 -0.85 -5.17 27.39
N SER B 66 0.13 -4.26 27.27
CA SER B 66 1.45 -4.59 26.75
C SER B 66 2.03 -5.81 27.47
N HIS B 67 2.20 -5.71 28.79
CA HIS B 67 2.76 -6.78 29.61
C HIS B 67 2.13 -8.12 29.24
N SER B 68 0.81 -8.09 29.08
CA SER B 68 0.01 -9.26 28.77
C SER B 68 0.37 -9.83 27.39
N TYR B 69 0.48 -8.96 26.38
CA TYR B 69 0.77 -9.40 25.02
C TYR B 69 2.19 -9.97 24.94
N VAL B 70 3.13 -9.33 25.64
CA VAL B 70 4.49 -9.79 25.60
C VAL B 70 4.56 -11.20 26.20
N LEU B 71 3.68 -11.49 27.18
CA LEU B 71 3.75 -12.79 27.83
C LEU B 71 3.19 -13.82 26.85
N ASN B 72 2.15 -13.42 26.12
CA ASN B 72 1.54 -14.31 25.17
C ASN B 72 2.56 -14.63 24.08
N LYS B 73 3.40 -13.65 23.79
CA LYS B 73 4.43 -13.91 22.79
C LYS B 73 5.43 -14.96 23.28
N THR B 74 6.00 -14.78 24.49
CA THR B 74 7.14 -15.55 24.93
C THR B 74 6.68 -16.97 25.27
N ARG B 75 5.41 -17.04 25.67
CA ARG B 75 4.75 -18.29 25.98
C ARG B 75 4.60 -19.12 24.71
N ALA B 76 4.05 -18.50 23.66
CA ALA B 76 3.98 -19.12 22.35
C ALA B 76 5.34 -19.63 21.90
N ALA B 77 6.38 -18.80 22.07
CA ALA B 77 7.72 -19.20 21.67
C ALA B 77 8.16 -20.44 22.43
N ALA B 78 7.85 -20.48 23.72
CA ALA B 78 8.27 -21.60 24.55
C ALA B 78 7.59 -22.89 24.07
N VAL B 79 6.28 -22.85 23.81
CA VAL B 79 5.61 -24.06 23.31
C VAL B 79 6.11 -24.48 21.93
N VAL B 80 6.67 -23.60 21.10
CA VAL B 80 7.04 -24.07 19.78
C VAL B 80 8.54 -24.38 19.72
N GLY B 81 9.23 -24.29 20.86
CA GLY B 81 10.65 -24.63 20.91
C GLY B 81 11.55 -23.45 20.50
N ILE B 82 11.04 -22.21 20.58
CA ILE B 82 11.86 -21.05 20.25
C ILE B 82 12.30 -20.37 21.54
N ASN B 83 13.58 -20.00 21.62
CA ASN B 83 14.03 -19.29 22.81
C ASN B 83 13.57 -17.83 22.77
N SER B 84 13.12 -17.31 23.92
CA SER B 84 12.78 -15.91 24.10
C SER B 84 13.54 -15.28 25.26
N GLU B 85 13.75 -13.97 25.14
CA GLU B 85 14.13 -13.09 26.23
C GLU B 85 13.41 -11.76 26.01
N THR B 86 12.56 -11.40 26.96
CA THR B 86 12.00 -10.06 27.06
C THR B 86 12.95 -9.12 27.81
N ILE B 87 13.29 -7.98 27.21
CA ILE B 87 14.02 -6.93 27.89
C ILE B 87 13.07 -5.78 28.22
N MET B 88 12.60 -5.69 29.49
CA MET B 88 11.68 -4.66 29.95
C MET B 88 12.47 -3.44 30.43
N LYS B 89 11.93 -2.26 30.12
CA LYS B 89 12.66 -1.03 30.33
C LYS B 89 11.73 0.01 30.96
N PRO B 90 12.30 1.05 31.60
CA PRO B 90 11.48 2.08 32.25
C PRO B 90 10.85 2.97 31.16
N ALA B 91 9.54 3.29 31.33
CA ALA B 91 8.88 4.31 30.50
C ALA B 91 9.82 5.48 30.20
N SER B 92 10.75 5.74 31.13
CA SER B 92 11.55 6.95 31.05
C SER B 92 12.77 6.78 30.16
N ILE B 93 12.82 5.72 29.36
CA ILE B 93 14.08 5.46 28.68
C ILE B 93 14.29 6.50 27.57
N SER B 94 15.54 6.90 27.36
CA SER B 94 15.71 7.86 26.29
C SER B 94 15.62 7.11 24.97
N GLU B 95 15.29 7.87 23.93
CA GLU B 95 15.09 7.33 22.61
C GLU B 95 16.43 6.87 22.08
N GLU B 96 17.49 7.55 22.51
CA GLU B 96 18.81 7.25 21.98
C GLU B 96 19.24 5.91 22.56
N GLU B 97 18.73 5.63 23.77
CA GLU B 97 19.08 4.43 24.50
C GLU B 97 18.45 3.23 23.79
N LEU B 98 17.13 3.35 23.59
CA LEU B 98 16.34 2.29 22.99
C LEU B 98 16.97 1.92 21.64
N LEU B 99 17.34 2.93 20.85
CA LEU B 99 17.97 2.73 19.55
C LEU B 99 19.30 2.00 19.71
N ASN B 100 19.91 2.16 20.88
CA ASN B 100 21.20 1.55 21.17
C ASN B 100 21.00 0.08 21.52
N LEU B 101 19.99 -0.16 22.37
CA LEU B 101 19.48 -1.49 22.62
C LEU B 101 19.23 -2.18 21.28
N ILE B 102 18.40 -1.56 20.44
CA ILE B 102 18.03 -2.18 19.19
C ILE B 102 19.27 -2.48 18.37
N ASN B 103 20.20 -1.54 18.35
CA ASN B 103 21.37 -1.77 17.51
C ASN B 103 22.21 -2.92 18.07
N LYS B 104 22.18 -3.09 19.41
CA LYS B 104 22.94 -4.19 19.95
C LYS B 104 22.29 -5.47 19.39
N LEU B 105 20.99 -5.61 19.66
CA LEU B 105 20.22 -6.80 19.29
C LEU B 105 20.33 -7.06 17.80
N ASN B 106 20.37 -5.97 17.02
CA ASN B 106 20.50 -6.14 15.60
C ASN B 106 21.82 -6.84 15.30
N ASN B 107 22.78 -6.65 16.20
CA ASN B 107 24.16 -7.03 15.92
C ASN B 107 24.47 -8.43 16.46
N ASP B 108 23.66 -8.87 17.43
CA ASP B 108 23.78 -10.16 18.09
C ASP B 108 23.31 -11.29 17.16
N ASP B 109 24.24 -12.08 16.61
CA ASP B 109 23.91 -13.08 15.63
C ASP B 109 23.12 -14.23 16.26
N ASN B 110 22.85 -14.11 17.55
CA ASN B 110 22.06 -15.15 18.18
C ASN B 110 20.58 -14.73 18.25
N VAL B 111 20.32 -13.43 18.05
CA VAL B 111 18.94 -12.98 17.94
C VAL B 111 18.47 -13.16 16.50
N ASP B 112 17.37 -13.90 16.31
CA ASP B 112 16.88 -14.11 14.95
C ASP B 112 15.76 -13.12 14.66
N GLY B 113 14.91 -12.91 15.66
CA GLY B 113 13.77 -12.03 15.57
C GLY B 113 13.79 -11.06 16.75
N LEU B 114 13.52 -9.79 16.42
CA LEU B 114 13.50 -8.72 17.39
C LEU B 114 12.17 -8.01 17.27
N LEU B 115 11.52 -7.74 18.40
CA LEU B 115 10.35 -6.92 18.23
C LEU B 115 10.13 -6.00 19.43
N VAL B 116 9.58 -4.82 19.13
CA VAL B 116 9.33 -3.81 20.14
C VAL B 116 7.83 -3.74 20.32
N GLN B 117 7.39 -4.07 21.53
CA GLN B 117 5.99 -3.93 21.89
C GLN B 117 5.56 -2.45 21.79
N LEU B 118 4.27 -2.21 21.49
CA LEU B 118 3.71 -0.88 21.24
C LEU B 118 2.47 -0.74 22.12
N PRO B 119 2.11 0.49 22.57
CA PRO B 119 2.74 1.73 22.12
C PRO B 119 3.98 2.06 22.92
N LEU B 120 4.85 2.93 22.40
CA LEU B 120 5.96 3.48 23.16
C LEU B 120 5.48 4.73 23.91
N PRO B 121 6.25 5.32 24.85
CA PRO B 121 5.86 6.59 25.49
C PRO B 121 6.10 7.79 24.57
N GLU B 122 5.41 8.88 24.89
CA GLU B 122 5.25 10.03 24.02
C GLU B 122 6.58 10.61 23.55
N HIS B 123 7.64 10.57 24.36
CA HIS B 123 8.89 11.11 23.84
C HIS B 123 9.57 10.17 22.85
N ILE B 124 8.93 9.06 22.50
CA ILE B 124 9.64 8.15 21.61
C ILE B 124 8.91 8.14 20.27
N ASP B 125 9.70 8.40 19.22
CA ASP B 125 9.15 8.35 17.86
C ASP B 125 9.09 6.89 17.37
N GLU B 126 7.87 6.31 17.40
CA GLU B 126 7.58 4.93 17.02
C GLU B 126 8.13 4.57 15.64
N ARG B 127 7.99 5.50 14.71
CA ARG B 127 8.44 5.28 13.36
C ARG B 127 9.96 5.16 13.32
N ARG B 128 10.68 6.01 14.08
CA ARG B 128 12.14 5.91 14.08
C ARG B 128 12.54 4.53 14.63
N ILE B 129 11.76 4.05 15.61
CA ILE B 129 12.00 2.77 16.25
C ILE B 129 11.71 1.63 15.27
N CYS B 130 10.48 1.55 14.78
CA CYS B 130 10.20 0.47 13.86
C CYS B 130 11.25 0.39 12.77
N ASN B 131 11.73 1.55 12.33
CA ASN B 131 12.66 1.55 11.22
C ASN B 131 14.06 1.21 11.69
N ALA B 132 14.24 1.09 13.01
CA ALA B 132 15.57 0.85 13.55
C ALA B 132 15.85 -0.66 13.63
N VAL B 133 14.79 -1.46 13.86
CA VAL B 133 14.90 -2.90 13.86
C VAL B 133 15.35 -3.40 12.49
N SER B 134 16.37 -4.25 12.48
CA SER B 134 16.82 -4.89 11.25
C SER B 134 15.60 -5.45 10.50
N PRO B 135 15.48 -5.16 9.19
CA PRO B 135 14.39 -5.72 8.39
C PRO B 135 14.38 -7.25 8.42
N ASP B 136 15.58 -7.86 8.50
CA ASP B 136 15.69 -9.31 8.48
C ASP B 136 15.25 -9.89 9.84
N LYS B 137 15.18 -9.04 10.88
CA LYS B 137 14.76 -9.52 12.18
C LYS B 137 13.39 -8.96 12.55
N ASP B 138 12.71 -8.33 11.59
CA ASP B 138 11.53 -7.53 11.86
C ASP B 138 10.26 -8.39 11.88
N VAL B 139 10.09 -9.22 12.93
CA VAL B 139 9.08 -10.26 12.92
C VAL B 139 7.69 -9.65 12.86
N ASP B 140 7.56 -8.38 13.29
CA ASP B 140 6.30 -7.68 13.28
C ASP B 140 5.99 -7.15 11.89
N GLY B 141 7.01 -7.10 11.03
CA GLY B 141 6.85 -6.55 9.69
C GLY B 141 6.53 -5.05 9.64
N PHE B 142 7.10 -4.22 10.53
CA PHE B 142 6.70 -2.83 10.58
C PHE B 142 7.77 -1.91 10.00
N HIS B 143 8.93 -2.47 9.65
CA HIS B 143 9.94 -1.65 9.03
C HIS B 143 9.48 -1.18 7.65
N VAL B 144 9.89 0.03 7.29
CA VAL B 144 9.39 0.66 6.08
C VAL B 144 9.72 -0.25 4.91
N ILE B 145 10.88 -0.93 4.95
CA ILE B 145 11.22 -1.80 3.84
C ILE B 145 10.25 -2.97 3.74
N ASN B 146 9.82 -3.50 4.88
CA ASN B 146 8.88 -4.62 4.87
C ASN B 146 7.52 -4.12 4.44
N VAL B 147 7.19 -2.87 4.79
CA VAL B 147 5.93 -2.33 4.32
C VAL B 147 6.01 -2.16 2.80
N GLY B 148 7.09 -1.55 2.33
CA GLY B 148 7.25 -1.37 0.90
C GLY B 148 7.12 -2.70 0.16
N ARG B 149 7.93 -3.68 0.58
CA ARG B 149 7.96 -4.96 -0.12
C ARG B 149 6.56 -5.56 -0.12
N MET B 150 5.88 -5.44 1.01
CA MET B 150 4.54 -6.01 1.08
C MET B 150 3.66 -5.34 0.02
N CYS B 151 3.76 -4.03 -0.07
CA CYS B 151 2.89 -3.27 -0.96
C CYS B 151 3.24 -3.49 -2.42
N LEU B 152 4.44 -4.02 -2.72
CA LEU B 152 4.80 -4.39 -4.08
C LEU B 152 4.59 -5.89 -4.32
N ASP B 153 3.91 -6.58 -3.39
CA ASP B 153 3.67 -8.00 -3.54
C ASP B 153 4.99 -8.78 -3.62
N GLN B 154 6.09 -8.25 -3.04
CA GLN B 154 7.27 -9.08 -2.93
C GLN B 154 7.27 -9.84 -1.61
N TYR B 155 8.22 -10.78 -1.45
CA TYR B 155 8.41 -11.50 -0.20
C TYR B 155 8.75 -10.52 0.89
N SER B 156 8.16 -10.73 2.07
CA SER B 156 8.46 -9.84 3.19
C SER B 156 8.10 -10.55 4.49
N MET B 157 8.55 -9.97 5.58
CA MET B 157 8.01 -10.33 6.86
C MET B 157 6.62 -9.70 6.96
N LEU B 158 5.56 -10.48 6.78
CA LEU B 158 4.19 -9.97 6.85
C LEU B 158 3.79 -9.64 8.29
N PRO B 159 3.02 -8.55 8.52
CA PRO B 159 2.52 -8.23 9.87
C PRO B 159 1.61 -9.34 10.37
N ALA B 160 1.66 -9.63 11.66
CA ALA B 160 1.09 -10.86 12.19
C ALA B 160 -0.44 -10.81 12.22
N THR B 161 -1.06 -9.69 12.62
CA THR B 161 -2.52 -9.70 12.62
C THR B 161 -3.09 -9.87 11.21
N PRO B 162 -2.67 -9.07 10.21
CA PRO B 162 -3.14 -9.26 8.84
C PRO B 162 -2.88 -10.66 8.30
N TRP B 163 -1.70 -11.20 8.58
CA TRP B 163 -1.43 -12.52 8.04
C TRP B 163 -2.35 -13.49 8.75
N GLY B 164 -2.52 -13.30 10.05
CA GLY B 164 -3.47 -14.13 10.77
C GLY B 164 -4.87 -14.10 10.13
N VAL B 165 -5.32 -12.90 9.77
CA VAL B 165 -6.65 -12.78 9.19
C VAL B 165 -6.70 -13.55 7.89
N TRP B 166 -5.63 -13.47 7.11
CA TRP B 166 -5.64 -14.15 5.84
C TRP B 166 -5.68 -15.66 6.07
N GLU B 167 -4.89 -16.15 7.03
CA GLU B 167 -4.82 -17.57 7.28
C GLU B 167 -6.19 -18.12 7.72
N ILE B 168 -6.92 -17.34 8.51
CA ILE B 168 -8.24 -17.74 8.95
C ILE B 168 -9.10 -17.95 7.72
N ILE B 169 -8.88 -17.13 6.70
CA ILE B 169 -9.70 -17.21 5.51
C ILE B 169 -9.27 -18.39 4.65
N LYS B 170 -7.96 -18.52 4.36
CA LYS B 170 -7.50 -19.66 3.57
C LYS B 170 -7.84 -21.00 4.25
N ARG B 171 -7.51 -21.13 5.53
CA ARG B 171 -7.63 -22.41 6.23
C ARG B 171 -9.09 -22.81 6.39
N THR B 172 -9.97 -21.87 6.75
CA THR B 172 -11.39 -22.13 6.71
C THR B 172 -11.86 -22.43 5.29
N GLY B 173 -11.11 -22.06 4.26
CA GLY B 173 -11.48 -22.42 2.89
C GLY B 173 -12.43 -21.42 2.20
N ILE B 174 -12.71 -20.28 2.83
CA ILE B 174 -13.54 -19.25 2.21
C ILE B 174 -12.86 -18.67 0.98
N PRO B 175 -13.56 -18.60 -0.18
CA PRO B 175 -12.97 -18.07 -1.42
C PRO B 175 -12.81 -16.55 -1.43
N THR B 176 -11.83 -16.08 -2.22
CA THR B 176 -11.58 -14.64 -2.28
C THR B 176 -11.50 -14.13 -3.72
N LEU B 177 -10.95 -14.94 -4.63
CA LEU B 177 -10.78 -14.49 -6.01
C LEU B 177 -12.14 -14.16 -6.61
N GLY B 178 -12.29 -12.98 -7.18
CA GLY B 178 -13.56 -12.54 -7.71
C GLY B 178 -14.47 -11.95 -6.64
N LYS B 179 -14.27 -12.35 -5.38
CA LYS B 179 -15.27 -12.05 -4.35
C LYS B 179 -15.14 -10.62 -3.85
N ASN B 180 -16.15 -10.14 -3.11
CA ASN B 180 -16.17 -8.77 -2.65
C ASN B 180 -15.89 -8.70 -1.15
N VAL B 181 -14.92 -7.86 -0.81
CA VAL B 181 -14.47 -7.73 0.56
C VAL B 181 -14.58 -6.28 0.98
N VAL B 182 -15.00 -6.09 2.22
CA VAL B 182 -14.94 -4.78 2.82
C VAL B 182 -14.13 -4.89 4.11
N VAL B 183 -13.28 -3.88 4.35
CA VAL B 183 -12.42 -3.80 5.51
C VAL B 183 -12.75 -2.50 6.25
N ALA B 184 -13.00 -2.62 7.55
CA ALA B 184 -13.33 -1.43 8.31
C ALA B 184 -12.12 -1.09 9.16
N GLY B 185 -11.48 0.03 8.83
CA GLY B 185 -10.19 0.38 9.43
C GLY B 185 -9.07 0.39 8.40
N ARG B 186 -8.07 1.22 8.64
CA ARG B 186 -7.09 1.54 7.62
C ARG B 186 -5.75 1.84 8.30
N SER B 187 -5.60 1.33 9.52
CA SER B 187 -4.37 1.55 10.25
C SER B 187 -3.23 0.86 9.50
N LYS B 188 -2.02 1.39 9.68
CA LYS B 188 -0.91 0.88 8.88
C LYS B 188 -0.50 -0.52 9.30
N ASN B 189 -0.97 -0.99 10.46
CA ASN B 189 -0.47 -2.21 11.07
C ASN B 189 -1.48 -3.32 10.79
N VAL B 190 -2.74 -2.95 10.53
CA VAL B 190 -3.81 -3.95 10.47
C VAL B 190 -4.66 -3.75 9.23
N GLY B 191 -5.43 -2.64 9.22
CA GLY B 191 -6.45 -2.48 8.21
C GLY B 191 -5.87 -2.39 6.79
N MET B 192 -4.83 -1.56 6.67
CA MET B 192 -4.24 -1.33 5.37
C MET B 192 -3.58 -2.61 4.88
N PRO B 193 -2.67 -3.24 5.67
CA PRO B 193 -2.07 -4.52 5.27
C PRO B 193 -3.10 -5.58 4.91
N ILE B 194 -4.21 -5.63 5.68
CA ILE B 194 -5.25 -6.59 5.36
C ILE B 194 -5.78 -6.31 3.94
N ALA B 195 -6.12 -5.04 3.69
CA ALA B 195 -6.59 -4.65 2.37
C ALA B 195 -5.54 -4.97 1.29
N MET B 196 -4.26 -4.75 1.60
CA MET B 196 -3.25 -5.06 0.62
C MET B 196 -3.29 -6.55 0.28
N LEU B 197 -3.28 -7.41 1.30
CA LEU B 197 -3.18 -8.83 0.97
C LEU B 197 -4.39 -9.27 0.16
N LEU B 198 -5.57 -8.80 0.57
CA LEU B 198 -6.76 -9.41 -0.02
C LEU B 198 -7.02 -9.00 -1.47
N HIS B 199 -6.56 -7.82 -1.93
CA HIS B 199 -6.92 -7.41 -3.27
C HIS B 199 -5.85 -7.77 -4.30
N THR B 200 -4.65 -8.15 -3.86
CA THR B 200 -3.52 -8.23 -4.79
C THR B 200 -3.50 -9.55 -5.54
N ASP B 201 -2.57 -9.68 -6.49
CA ASP B 201 -2.57 -10.73 -7.48
C ASP B 201 -2.05 -12.05 -6.88
N GLY B 202 -2.91 -13.09 -6.92
CA GLY B 202 -2.55 -14.45 -6.51
C GLY B 202 -1.24 -14.91 -7.16
N ALA B 203 -0.90 -14.35 -8.34
CA ALA B 203 0.26 -14.81 -9.09
C ALA B 203 1.56 -14.12 -8.68
N HIS B 204 1.52 -13.15 -7.75
CA HIS B 204 2.75 -12.40 -7.47
C HIS B 204 3.65 -13.15 -6.50
N GLU B 205 4.87 -12.64 -6.36
CA GLU B 205 5.90 -13.32 -5.60
C GLU B 205 5.37 -13.62 -4.20
N ARG B 206 4.60 -12.68 -3.64
CA ARG B 206 3.80 -12.92 -2.45
C ARG B 206 2.34 -12.89 -2.87
N PRO B 207 1.70 -14.06 -2.99
CA PRO B 207 0.35 -14.13 -3.53
C PRO B 207 -0.62 -13.30 -2.70
N GLY B 208 -1.67 -12.75 -3.32
CA GLY B 208 -2.73 -12.09 -2.56
C GLY B 208 -4.05 -12.73 -2.94
N GLY B 209 -5.16 -12.18 -2.45
CA GLY B 209 -6.44 -12.87 -2.56
C GLY B 209 -7.26 -12.59 -3.82
N ASP B 210 -6.78 -11.69 -4.71
CA ASP B 210 -7.48 -11.36 -5.96
C ASP B 210 -8.93 -10.96 -5.71
N ALA B 211 -9.21 -10.39 -4.55
CA ALA B 211 -10.57 -9.99 -4.25
C ALA B 211 -10.73 -8.51 -4.56
N THR B 212 -11.99 -8.07 -4.57
CA THR B 212 -12.36 -6.70 -4.78
C THR B 212 -12.56 -6.13 -3.41
N VAL B 213 -11.73 -5.14 -3.05
CA VAL B 213 -11.68 -4.66 -1.68
C VAL B 213 -12.11 -3.20 -1.57
N THR B 214 -12.98 -2.93 -0.59
CA THR B 214 -13.37 -1.59 -0.22
C THR B 214 -12.73 -1.27 1.15
N ILE B 215 -11.97 -0.17 1.24
CA ILE B 215 -11.42 0.33 2.49
C ILE B 215 -12.34 1.41 3.03
N SER B 216 -12.80 1.23 4.26
CA SER B 216 -13.60 2.20 4.97
C SER B 216 -12.84 2.62 6.21
N HIS B 217 -13.29 3.66 6.89
CA HIS B 217 -12.52 4.19 7.99
C HIS B 217 -13.39 5.20 8.70
N ARG B 218 -12.76 6.04 9.52
CA ARG B 218 -13.49 6.90 10.43
C ARG B 218 -14.32 7.97 9.70
N TYR B 219 -14.17 8.14 8.37
CA TYR B 219 -14.95 9.17 7.69
C TYR B 219 -15.90 8.51 6.70
N THR B 220 -16.02 7.20 6.82
CA THR B 220 -17.09 6.53 6.09
C THR B 220 -18.36 6.69 6.91
N PRO B 221 -19.43 7.24 6.31
CA PRO B 221 -20.71 7.37 7.01
C PRO B 221 -21.40 6.00 7.14
N LYS B 222 -22.03 5.73 8.31
CA LYS B 222 -22.70 4.46 8.57
C LYS B 222 -23.41 4.02 7.29
N GLU B 223 -24.17 4.98 6.74
CA GLU B 223 -24.94 4.77 5.54
C GLU B 223 -24.08 4.04 4.52
N GLN B 224 -22.92 4.64 4.20
CA GLN B 224 -22.07 4.19 3.10
C GLN B 224 -21.47 2.82 3.45
N LEU B 225 -21.02 2.71 4.70
CA LEU B 225 -20.49 1.43 5.18
C LEU B 225 -21.47 0.32 4.79
N LYS B 226 -22.73 0.51 5.23
CA LYS B 226 -23.77 -0.50 5.08
C LYS B 226 -24.01 -0.83 3.61
N LYS B 227 -24.01 0.18 2.73
CA LYS B 227 -24.29 -0.07 1.33
C LYS B 227 -23.15 -0.90 0.71
N HIS B 228 -21.98 -0.92 1.36
CA HIS B 228 -20.84 -1.66 0.83
C HIS B 228 -20.79 -3.10 1.37
N THR B 229 -21.07 -3.25 2.66
CA THR B 229 -20.98 -4.51 3.39
C THR B 229 -22.01 -5.50 2.88
N ILE B 230 -23.22 -4.98 2.57
CA ILE B 230 -24.32 -5.80 2.12
C ILE B 230 -23.93 -6.43 0.78
N LEU B 231 -22.85 -5.93 0.20
CA LEU B 231 -22.44 -6.49 -1.07
C LEU B 231 -21.26 -7.44 -0.85
N ALA B 232 -20.88 -7.66 0.41
CA ALA B 232 -19.61 -8.30 0.72
C ALA B 232 -19.79 -9.76 1.17
N ASP B 233 -19.11 -10.66 0.44
CA ASP B 233 -18.88 -12.05 0.80
C ASP B 233 -17.98 -12.18 2.03
N ILE B 234 -17.11 -11.18 2.25
CA ILE B 234 -16.29 -11.12 3.45
C ILE B 234 -16.27 -9.68 3.98
N VAL B 235 -16.70 -9.52 5.23
CA VAL B 235 -16.51 -8.26 5.91
C VAL B 235 -15.45 -8.46 6.98
N ILE B 236 -14.38 -7.67 6.92
CA ILE B 236 -13.33 -7.74 7.93
C ILE B 236 -13.33 -6.45 8.74
N SER B 237 -13.43 -6.59 10.07
CA SER B 237 -13.63 -5.39 10.86
C SER B 237 -12.49 -5.18 11.85
N ALA B 238 -11.80 -4.06 11.66
CA ALA B 238 -10.65 -3.75 12.48
C ALA B 238 -10.68 -2.27 12.83
N ALA B 239 -11.74 -1.85 13.54
CA ALA B 239 -11.99 -0.43 13.76
C ALA B 239 -11.88 -0.08 15.24
N GLY B 240 -12.15 -1.05 16.11
CA GLY B 240 -12.10 -0.78 17.53
C GLY B 240 -13.33 -0.02 18.04
N ILE B 241 -14.52 -0.43 17.56
CA ILE B 241 -15.80 0.20 17.87
C ILE B 241 -16.82 -0.91 18.15
N PRO B 242 -17.32 -1.08 19.39
CA PRO B 242 -18.29 -2.14 19.68
C PRO B 242 -19.55 -2.04 18.81
N ASN B 243 -19.94 -3.18 18.23
CA ASN B 243 -21.20 -3.28 17.50
C ASN B 243 -21.21 -2.44 16.22
N LEU B 244 -20.04 -2.13 15.67
CA LEU B 244 -19.98 -1.48 14.37
C LEU B 244 -20.76 -2.30 13.35
N ILE B 245 -20.62 -3.62 13.40
CA ILE B 245 -21.23 -4.48 12.41
C ILE B 245 -22.41 -5.22 13.04
N THR B 246 -23.59 -4.99 12.45
CA THR B 246 -24.87 -5.54 12.88
C THR B 246 -25.45 -6.31 11.70
N ALA B 247 -26.38 -7.22 11.96
CA ALA B 247 -26.78 -8.26 11.01
C ALA B 247 -27.43 -7.68 9.76
N ASP B 248 -27.82 -6.40 9.81
CA ASP B 248 -28.52 -5.75 8.71
C ASP B 248 -27.50 -5.20 7.72
N MET B 249 -26.27 -4.99 8.22
CA MET B 249 -25.11 -4.61 7.41
C MET B 249 -24.66 -5.82 6.59
N ILE B 250 -24.80 -7.02 7.18
CA ILE B 250 -24.22 -8.21 6.59
C ILE B 250 -25.18 -8.75 5.54
N LYS B 251 -24.70 -9.71 4.76
CA LYS B 251 -25.48 -10.40 3.75
C LYS B 251 -25.54 -11.90 4.08
N GLU B 252 -26.73 -12.51 3.94
CA GLU B 252 -26.97 -13.92 4.23
C GLU B 252 -25.85 -14.78 3.65
N GLY B 253 -25.12 -15.46 4.56
CA GLY B 253 -24.17 -16.53 4.23
C GLY B 253 -22.72 -16.05 4.17
N ALA B 254 -22.45 -14.86 4.72
CA ALA B 254 -21.23 -14.13 4.46
C ALA B 254 -20.23 -14.33 5.59
N ALA B 255 -18.94 -14.34 5.23
CA ALA B 255 -17.85 -14.50 6.18
C ALA B 255 -17.60 -13.19 6.90
N VAL B 256 -17.68 -13.20 8.23
CA VAL B 256 -17.43 -11.99 9.00
C VAL B 256 -16.26 -12.22 9.96
N ILE B 257 -15.17 -11.47 9.75
CA ILE B 257 -13.96 -11.64 10.52
C ILE B 257 -13.79 -10.45 11.46
N ASP B 258 -13.86 -10.71 12.78
CA ASP B 258 -13.83 -9.65 13.77
C ASP B 258 -12.43 -9.47 14.37
N VAL B 259 -11.74 -8.43 13.88
CA VAL B 259 -10.36 -8.19 14.29
C VAL B 259 -10.35 -7.33 15.54
N GLY B 260 -11.52 -6.80 15.89
CA GLY B 260 -11.57 -5.83 16.97
C GLY B 260 -11.33 -6.43 18.34
N ILE B 261 -10.88 -5.57 19.26
CA ILE B 261 -10.69 -5.96 20.63
C ILE B 261 -10.98 -4.76 21.53
N ASN B 262 -12.18 -4.76 22.13
CA ASN B 262 -12.72 -3.60 22.84
C ASN B 262 -12.95 -3.92 24.32
N ARG B 263 -12.28 -3.17 25.19
CA ARG B 263 -12.43 -3.27 26.64
C ARG B 263 -13.68 -2.52 27.10
N VAL B 264 -14.82 -3.24 27.17
CA VAL B 264 -16.03 -2.71 27.79
C VAL B 264 -16.30 -3.45 29.11
N PRO B 272 -15.31 -5.70 34.10
CA PRO B 272 -14.99 -5.49 32.68
C PRO B 272 -15.72 -6.40 31.69
N LYS B 273 -15.01 -6.69 30.59
CA LYS B 273 -15.34 -7.62 29.51
C LYS B 273 -14.57 -7.18 28.26
N LEU B 274 -14.35 -8.12 27.31
CA LEU B 274 -13.69 -7.81 26.06
C LEU B 274 -14.63 -8.17 24.91
N VAL B 275 -14.87 -7.22 24.00
CA VAL B 275 -15.76 -7.52 22.89
C VAL B 275 -15.16 -7.06 21.55
N GLY B 276 -15.74 -7.61 20.47
CA GLY B 276 -15.32 -7.33 19.10
C GLY B 276 -15.86 -6.00 18.57
N ASP B 277 -15.68 -5.82 17.26
CA ASP B 277 -16.34 -4.76 16.54
C ASP B 277 -17.75 -5.24 16.22
N VAL B 278 -17.90 -6.56 16.09
CA VAL B 278 -19.13 -7.16 15.60
C VAL B 278 -20.09 -7.47 16.76
N ASP B 279 -21.39 -7.50 16.45
CA ASP B 279 -22.41 -7.98 17.37
C ASP B 279 -22.57 -9.48 17.11
N PHE B 280 -21.98 -10.27 18.01
CA PHE B 280 -21.73 -11.68 17.82
C PHE B 280 -23.06 -12.44 17.66
N GLU B 281 -23.83 -12.53 18.76
CA GLU B 281 -25.08 -13.27 18.73
C GLU B 281 -25.95 -12.74 17.59
N GLY B 282 -26.07 -11.40 17.50
CA GLY B 282 -26.75 -10.74 16.39
C GLY B 282 -26.31 -11.24 15.01
N VAL B 283 -25.03 -11.04 14.65
CA VAL B 283 -24.60 -11.37 13.31
C VAL B 283 -24.63 -12.87 13.09
N ARG B 284 -24.53 -13.62 14.21
CA ARG B 284 -24.30 -15.07 14.25
C ARG B 284 -25.34 -15.82 13.42
N GLN B 285 -26.53 -15.23 13.26
CA GLN B 285 -27.67 -15.88 12.62
C GLN B 285 -27.64 -15.71 11.11
N LYS B 286 -27.16 -14.55 10.64
CA LYS B 286 -27.15 -14.21 9.21
C LYS B 286 -25.84 -14.67 8.55
N ALA B 287 -24.73 -14.60 9.27
CA ALA B 287 -23.41 -14.95 8.74
C ALA B 287 -23.36 -16.43 8.33
N GLY B 288 -22.61 -16.70 7.26
CA GLY B 288 -22.17 -18.06 6.93
C GLY B 288 -21.02 -18.50 7.84
N TYR B 289 -20.08 -17.58 8.07
CA TYR B 289 -18.99 -17.79 9.01
C TYR B 289 -18.80 -16.58 9.92
N ILE B 290 -18.23 -16.82 11.10
CA ILE B 290 -18.01 -15.73 12.02
C ILE B 290 -16.86 -16.09 12.95
N THR B 291 -16.17 -15.07 13.46
CA THR B 291 -15.10 -15.33 14.38
C THR B 291 -15.42 -14.61 15.69
N PRO B 292 -15.17 -15.27 16.82
CA PRO B 292 -15.57 -14.75 18.13
C PRO B 292 -14.47 -13.89 18.73
N VAL B 293 -14.85 -13.13 19.75
CA VAL B 293 -13.90 -12.32 20.49
C VAL B 293 -14.36 -12.36 21.94
N PRO B 294 -13.59 -12.94 22.88
CA PRO B 294 -12.29 -13.56 22.59
C PRO B 294 -12.28 -14.80 21.70
N GLY B 295 -11.07 -15.36 21.52
CA GLY B 295 -10.83 -16.69 20.94
C GLY B 295 -10.83 -16.68 19.41
N GLY B 296 -10.55 -15.51 18.82
CA GLY B 296 -10.69 -15.33 17.39
C GLY B 296 -9.36 -14.98 16.72
N VAL B 297 -9.22 -13.71 16.36
CA VAL B 297 -8.10 -13.27 15.55
C VAL B 297 -6.89 -13.20 16.48
N GLY B 298 -7.16 -12.87 17.74
CA GLY B 298 -6.12 -12.53 18.71
C GLY B 298 -5.07 -13.63 18.79
N PRO B 299 -5.50 -14.87 19.12
CA PRO B 299 -4.61 -16.04 19.07
C PRO B 299 -3.88 -16.24 17.73
N MET B 300 -4.53 -15.88 16.62
CA MET B 300 -3.89 -16.04 15.30
C MET B 300 -2.65 -15.16 15.21
N THR B 301 -2.77 -13.94 15.74
CA THR B 301 -1.69 -12.99 15.72
C THR B 301 -0.46 -13.61 16.36
N VAL B 302 -0.66 -14.23 17.51
CA VAL B 302 0.47 -14.80 18.20
C VAL B 302 1.02 -15.97 17.38
N ALA B 303 0.13 -16.76 16.77
CA ALA B 303 0.64 -17.86 15.97
C ALA B 303 1.54 -17.31 14.86
N MET B 304 1.03 -16.33 14.08
CA MET B 304 1.73 -15.96 12.86
C MET B 304 3.10 -15.39 13.20
N LEU B 305 3.21 -14.84 14.40
CA LEU B 305 4.47 -14.28 14.82
C LEU B 305 5.53 -15.37 15.04
N MET B 306 5.07 -16.56 15.46
CA MET B 306 5.95 -17.71 15.55
C MET B 306 6.38 -18.13 14.15
N LYS B 307 5.43 -18.11 13.18
CA LYS B 307 5.74 -18.40 11.78
C LYS B 307 6.88 -17.49 11.29
N ASN B 308 6.79 -16.21 11.65
CA ASN B 308 7.74 -15.19 11.21
C ASN B 308 9.09 -15.37 11.88
N THR B 309 9.10 -15.80 13.15
CA THR B 309 10.36 -15.98 13.86
C THR B 309 11.14 -17.14 13.24
N ILE B 310 10.46 -18.27 12.91
CA ILE B 310 11.18 -19.36 12.25
C ILE B 310 11.69 -18.89 10.88
N ILE B 311 10.84 -18.19 10.10
CA ILE B 311 11.31 -17.67 8.82
C ILE B 311 12.58 -16.83 9.05
N ALA B 312 12.55 -15.93 10.03
CA ALA B 312 13.70 -15.06 10.24
C ALA B 312 14.91 -15.92 10.51
N ALA B 313 14.74 -16.92 11.39
CA ALA B 313 15.85 -17.76 11.81
C ALA B 313 16.48 -18.43 10.59
N LYS B 314 15.64 -18.89 9.67
CA LYS B 314 16.13 -19.57 8.48
C LYS B 314 16.84 -18.62 7.52
N LYS B 315 16.69 -17.30 7.72
CA LYS B 315 17.34 -16.37 6.80
C LYS B 315 16.98 -16.70 5.36
N VAL B 316 15.74 -17.14 5.13
CA VAL B 316 15.19 -17.38 3.81
C VAL B 316 15.27 -16.07 3.01
N LEU B 317 14.73 -14.99 3.56
CA LEU B 317 14.83 -13.71 2.89
C LEU B 317 16.06 -12.97 3.44
C16 D8C C . 2.94 2.69 -19.55
C18 D8C C . 5.53 2.80 -19.09
C20 D8C C . 1.15 13.16 -22.85
C21 D8C C . 0.12 12.35 -23.34
C22 D8C C . 1.77 -0.88 -19.95
C15 D8C C . 1.73 3.38 -19.81
C13 D8C C . 2.92 5.51 -19.75
C12 D8C C . 4.12 4.83 -19.49
C11 D8C C . 3.01 6.99 -19.86
C10 D8C C . 5.44 6.86 -19.39
C8 D8C C . 4.44 9.09 -19.73
C9 D8C C . 4.20 7.61 -19.67
C3 D8C C . 2.31 11.22 -22.00
C4 D8C C . 1.28 10.39 -22.49
C2 D8C C . 2.24 12.62 -22.19
C1 D8C C . 0.18 10.95 -23.15
C6 D8C C . 1.99 9.25 -19.86
C5 D8C C . 3.49 10.68 -21.30
O5 D8C C . -2.72 11.40 -23.10
S1 D8C C . -2.44 12.37 -24.19
O4 D8C C . -3.26 13.59 -24.33
C27 D8C C . -2.19 11.44 -25.75
N2 D8C C . -0.90 12.99 -24.00
CL1 D8C C . 1.05 14.86 -23.12
O2 D8C C . 4.60 11.11 -21.62
N1 D8C C . 3.29 9.72 -20.36
C7 D8C C . 1.73 7.77 -20.13
C14 D8C C . 1.71 4.80 -19.92
C17 D8C C . 4.15 3.43 -19.38
O3 D8C C . 5.33 5.49 -19.32
O1 D8C C . 6.50 7.46 -19.24
N3 D8C C . 2.85 1.28 -19.45
C23 D8C C . 1.68 0.66 -20.09
C24 D8C C . 2.99 0.91 -18.04
C25 D8C C . 3.14 -0.62 -17.94
N4 D8C C . 2.01 -1.31 -18.56
C26 D8C C . 2.34 -2.74 -18.56
PA NAD D . -1.15 -2.64 -16.18
O1A NAD D . -1.25 -2.81 -17.67
O2A NAD D . 0.16 -3.02 -15.56
O5B NAD D . -2.36 -3.33 -15.41
C5B NAD D . -3.69 -2.84 -15.61
C4B NAD D . -4.48 -3.14 -14.37
O4B NAD D . -5.90 -3.14 -14.68
C3B NAD D . -4.18 -4.49 -13.67
O3B NAD D . -4.01 -4.25 -12.29
C2B NAD D . -5.46 -5.32 -13.92
O2B NAD D . -5.78 -6.26 -12.90
C1B NAD D . -6.51 -4.23 -14.02
N9A NAD D . -7.66 -4.65 -14.80
C8A NAD D . -7.63 -5.38 -15.96
N7A NAD D . -8.83 -5.63 -16.44
C5A NAD D . -9.69 -5.04 -15.53
C6A NAD D . -11.10 -4.95 -15.46
N6A NAD D . -11.91 -5.49 -16.36
N1A NAD D . -11.64 -4.27 -14.42
C2A NAD D . -10.83 -3.73 -13.52
N3A NAD D . -9.50 -3.74 -13.48
C4A NAD D . -8.99 -4.42 -14.52
O3 NAD D . -1.61 -1.16 -15.80
PN NAD D . -0.88 0.27 -15.75
O1N NAD D . 0.55 0.08 -16.07
O2N NAD D . -1.29 0.93 -14.46
O5D NAD D . -1.67 0.94 -16.97
C5D NAD D . -3.10 0.79 -17.04
C4D NAD D . -3.63 1.78 -18.06
O4D NAD D . -3.27 3.11 -17.64
C3D NAD D . -3.06 1.64 -19.50
O3D NAD D . -3.98 2.21 -20.43
C2D NAD D . -1.86 2.56 -19.43
O2D NAD D . -1.41 2.97 -20.72
C1D NAD D . -2.46 3.72 -18.64
N1N NAD D . -1.44 4.59 -18.00
C2N NAD D . -1.61 5.94 -18.13
C3N NAD D . -0.69 6.84 -17.61
C7N NAD D . -1.01 8.31 -17.86
O7N NAD D . -0.11 9.13 -17.73
N7N NAD D . -2.26 8.64 -18.22
C4N NAD D . 0.43 6.33 -16.92
C5N NAD D . 0.59 4.96 -16.79
C6N NAD D . -0.35 4.11 -17.32
P PO4 E . -2.16 -7.17 -12.03
O1 PO4 E . -1.53 -8.10 -11.01
O2 PO4 E . -3.66 -7.43 -12.20
O3 PO4 E . -1.42 -7.38 -13.34
O4 PO4 E . -1.98 -5.70 -11.55
C16 D8C F . -3.03 -2.61 19.84
C18 D8C F . -0.45 -2.48 20.15
C20 D8C F . -4.64 -13.49 22.33
C21 D8C F . -5.84 -12.79 22.49
C22 D8C F . -4.58 0.85 19.51
C15 D8C F . -4.17 -3.42 19.77
C13 D8C F . -2.85 -5.47 20.07
C12 D8C F . -1.70 -4.65 20.15
C11 D8C F . -2.68 -6.95 20.22
C10 D8C F . -0.26 -6.57 20.46
C8 D8C F . -1.04 -8.88 20.56
C9 D8C F . -1.44 -7.43 20.40
C3 D8C F . -3.47 -11.37 22.01
C4 D8C F . -4.68 -10.66 22.15
C2 D8C F . -3.45 -12.77 22.09
C1 D8C F . -5.87 -11.37 22.41
C6 D8C F . -3.36 -9.36 19.81
C5 D8C F . -2.19 -10.67 21.69
O5 D8C F . -8.46 -11.82 21.61
S1 D8C F . -8.51 -12.87 22.65
O4 D8C F . -9.37 -14.04 22.41
C27 D8C F . -8.58 -12.14 24.31
N2 D8C F . -6.97 -13.53 22.75
CL1 D8C F . -4.63 -15.24 22.47
O2 D8C F . -1.17 -11.01 22.32
N1 D8C F . -2.21 -9.74 20.69
C7 D8C F . -3.85 -7.93 20.15
C14 D8C F . -4.11 -4.83 19.89
C17 D8C F . -1.76 -3.25 20.04
O3 D8C F . -0.46 -5.21 20.34
O1 D8C F . 0.84 -7.10 20.63
N3 D8C F . -3.22 -1.20 19.67
C23 D8C F . -4.59 -0.70 19.61
C24 D8C F . -2.51 -0.78 18.46
C25 D8C F . -2.45 0.75 18.40
N4 D8C F . -3.81 1.31 18.35
C26 D8C F . -3.69 2.76 18.35
PA NAD G . -6.46 2.24 15.30
O1A NAD G . -7.01 1.98 16.68
O2A NAD G . -5.21 3.02 15.18
O5B NAD G . -7.60 2.86 14.35
C5B NAD G . -8.79 2.10 14.06
C4B NAD G . -9.09 2.30 12.59
O4B NAD G . -10.53 2.17 12.39
C3B NAD G . -8.70 3.66 12.03
O3B NAD G . -8.00 3.46 10.81
C2B NAD G . -10.05 4.38 11.87
O2B NAD G . -10.13 5.38 10.86
C1B NAD G . -10.98 3.22 11.57
N9A NAD G . -12.35 3.53 11.93
C8A NAD G . -12.73 4.35 12.96
N7A NAD G . -14.02 4.50 13.03
C5A NAD G . -14.54 3.77 11.98
C6A NAD G . -15.85 3.56 11.52
N6A NAD G . -16.92 4.08 12.10
N1A NAD G . -16.02 2.78 10.42
C2A NAD G . -14.92 2.27 9.84
N3A NAD G . -13.64 2.39 10.19
C4A NAD G . -13.51 3.16 11.28
O3 NAD G . -6.27 0.85 14.54
PN NAD G . -5.79 -0.59 15.05
O1N NAD G . -4.53 -0.44 15.86
O2N NAD G . -5.78 -1.46 13.84
O5D NAD G . -7.03 -0.99 15.99
C5D NAD G . -8.22 -1.48 15.32
C4D NAD G . -8.87 -2.57 16.14
O4D NAD G . -8.16 -3.82 15.91
C3D NAD G . -8.88 -2.39 17.66
O3D NAD G . -9.99 -3.10 18.19
C2D NAD G . -7.58 -3.10 18.03
O2D NAD G . -7.52 -3.44 19.41
C1D NAD G . -7.72 -4.34 17.15
N1N NAD G . -6.47 -5.12 16.96
C2N NAD G . -6.56 -6.48 17.04
C3N NAD G . -5.45 -7.31 16.89
C7N NAD G . -5.75 -8.79 17.03
O7N NAD G . -4.82 -9.58 17.26
N7N NAD G . -7.02 -9.21 16.93
C4N NAD G . -4.19 -6.71 16.63
C5N NAD G . -4.09 -5.32 16.55
C6N NAD G . -5.23 -4.53 16.69
P PO4 H . -6.70 6.63 10.88
O1 PO4 H . -6.31 5.20 10.50
O2 PO4 H . -8.21 6.73 10.72
O3 PO4 H . -6.32 6.97 12.28
O4 PO4 H . -5.98 7.63 9.99
#